data_7QAJ
#
_entry.id   7QAJ
#
_cell.length_a   103.160
_cell.length_b   54.290
_cell.length_c   107.640
_cell.angle_alpha   90.000
_cell.angle_beta   100.560
_cell.angle_gamma   90.000
#
_symmetry.space_group_name_H-M   'P 1 2 1'
#
loop_
_entity.id
_entity.type
_entity.pdbx_description
1 polymer 'Snaclec clone 2100755 beta'
2 polymer 'Snaclec clone 2100755 alpha'
3 non-polymer 'SULFATE ION'
4 water water
#
loop_
_entity_poly.entity_id
_entity_poly.type
_entity_poly.pdbx_seq_one_letter_code
_entity_poly.pdbx_strand_id
1 'polypeptide(L)'
;DCPSGWSSYDGHCYQVFSDLKNWDDAESFCSGQHEGSRLASIHSREEEAFVGKMASRTLKYTSMWLGLNNPWKECKWEWS
DDTRLDYKVWTRRPYCTVMVVKTDRIFWFNRGCEKSVSFVCKFKAYSEDAAE
;
B,D,F,H
2 'polypeptide(L)'
;ADCPPGWSSYDLYCYQGFNGPQTWDDAERFCTEQAKGGHLVSISDSGEADFVGQLITQNISRPEYYVWTGLRDRRSEQQC
NPEWNDGSSIIYTNWDSGESEMCQAFSRWTNFREWMNTNCQQKNPFVCKFPPA
;
C,A,G,E
#
loop_
_chem_comp.id
_chem_comp.type
_chem_comp.name
_chem_comp.formula
SO4 non-polymer 'SULFATE ION' 'O4 S -2'
#
# COMPACT_ATOMS: atom_id res chain seq x y z
N ASP A 1 -4.27 19.08 57.83
CA ASP A 1 -5.47 18.84 57.04
C ASP A 1 -5.30 17.64 56.12
N CYS A 2 -4.51 16.66 56.55
CA CYS A 2 -4.36 15.41 55.81
C CYS A 2 -4.60 14.23 56.73
N PRO A 3 -5.29 13.20 56.24
CA PRO A 3 -5.55 12.02 57.07
C PRO A 3 -4.27 11.25 57.37
N SER A 4 -4.39 10.35 58.35
CA SER A 4 -3.23 9.58 58.80
C SER A 4 -2.62 8.80 57.64
N GLY A 5 -1.28 8.80 57.59
CA GLY A 5 -0.55 8.19 56.51
C GLY A 5 -0.17 9.13 55.39
N TRP A 6 -0.81 10.29 55.31
CA TRP A 6 -0.58 11.26 54.25
C TRP A 6 0.20 12.45 54.79
N SER A 7 1.07 13.01 53.95
CA SER A 7 1.88 14.17 54.29
C SER A 7 1.34 15.40 53.57
N SER A 8 1.35 16.53 54.27
CA SER A 8 0.74 17.76 53.79
C SER A 8 1.79 18.65 53.13
N TYR A 9 1.40 19.28 52.02
CA TYR A 9 2.24 20.31 51.40
C TYR A 9 1.37 21.19 50.52
N ASP A 10 1.33 22.49 50.83
CA ASP A 10 0.71 23.50 49.98
C ASP A 10 -0.74 23.16 49.63
N GLY A 11 -1.53 22.88 50.67
CA GLY A 11 -2.93 22.55 50.46
C GLY A 11 -3.22 21.21 49.82
N HIS A 12 -2.23 20.31 49.76
CA HIS A 12 -2.40 19.01 49.15
C HIS A 12 -1.82 17.93 50.07
N CYS A 13 -2.27 16.70 49.85
CA CYS A 13 -1.86 15.54 50.64
C CYS A 13 -1.20 14.52 49.75
N TYR A 14 -0.13 13.91 50.25
CA TYR A 14 0.69 13.00 49.47
C TYR A 14 0.96 11.73 50.26
N GLN A 15 1.08 10.61 49.53
CA GLN A 15 1.51 9.35 50.12
C GLN A 15 2.23 8.53 49.07
N VAL A 16 3.42 8.05 49.41
CA VAL A 16 4.23 7.22 48.52
C VAL A 16 3.96 5.76 48.85
N PHE A 17 3.78 4.95 47.81
CA PHE A 17 3.50 3.53 47.98
C PHE A 17 4.62 2.71 47.35
N SER A 18 5.03 1.65 48.05
CA SER A 18 6.19 0.89 47.65
C SER A 18 5.86 -0.23 46.67
N ASP A 19 4.65 -0.79 46.74
CA ASP A 19 4.24 -1.85 45.84
C ASP A 19 4.45 -1.45 44.38
N LEU A 20 5.00 -2.39 43.60
CA LEU A 20 5.31 -2.14 42.20
C LEU A 20 4.07 -2.39 41.35
N LYS A 21 3.58 -1.34 40.69
CA LYS A 21 2.41 -1.44 39.83
C LYS A 21 2.70 -0.76 38.49
N ASN A 22 1.99 -1.20 37.45
CA ASN A 22 2.05 -0.45 36.21
C ASN A 22 1.23 0.83 36.36
N TRP A 23 1.41 1.76 35.40
CA TRP A 23 0.87 3.10 35.54
C TRP A 23 -0.64 3.09 35.74
N ASP A 24 -1.36 2.37 34.87
CA ASP A 24 -2.81 2.28 34.99
C ASP A 24 -3.21 1.71 36.34
N ASP A 25 -2.57 0.61 36.76
CA ASP A 25 -2.90 0.00 38.04
C ASP A 25 -2.58 0.94 39.20
N ALA A 26 -1.49 1.71 39.09
CA ALA A 26 -1.16 2.66 40.14
C ALA A 26 -2.17 3.79 40.18
N GLU A 27 -2.55 4.32 39.01
CA GLU A 27 -3.56 5.37 38.95
C GLU A 27 -4.88 4.88 39.51
N SER A 28 -5.27 3.64 39.19
CA SER A 28 -6.47 3.05 39.78
C SER A 28 -6.35 2.95 41.30
N PHE A 29 -5.19 2.52 41.79
CA PHE A 29 -5.00 2.39 43.24
C PHE A 29 -5.13 3.74 43.93
N CYS A 30 -4.45 4.77 43.41
CA CYS A 30 -4.56 6.11 43.99
C CYS A 30 -6.01 6.55 44.08
N SER A 31 -6.78 6.33 43.01
CA SER A 31 -8.17 6.76 42.96
C SER A 31 -8.99 6.16 44.10
N GLY A 32 -8.63 4.98 44.58
CA GLY A 32 -9.34 4.33 45.65
C GLY A 32 -8.90 4.67 47.06
N GLN A 33 -7.82 5.44 47.21
CA GLN A 33 -7.30 5.73 48.54
C GLN A 33 -7.97 6.95 49.18
N HIS A 34 -8.52 7.85 48.37
CA HIS A 34 -9.14 9.07 48.87
C HIS A 34 -9.87 9.74 47.73
N GLU A 35 -10.87 10.55 48.08
CA GLU A 35 -11.57 11.34 47.07
C GLU A 35 -10.61 12.32 46.41
N GLY A 36 -10.59 12.33 45.09
CA GLY A 36 -9.75 13.23 44.34
C GLY A 36 -8.29 12.84 44.26
N SER A 37 -7.93 11.64 44.69
CA SER A 37 -6.54 11.20 44.71
C SER A 37 -6.19 10.54 43.39
N ARG A 38 -5.10 11.01 42.78
CA ARG A 38 -4.57 10.42 41.56
C ARG A 38 -3.06 10.39 41.68
N LEU A 39 -2.39 9.84 40.66
CA LEU A 39 -0.93 9.92 40.63
C LEU A 39 -0.50 11.37 40.61
N ALA A 40 0.54 11.69 41.37
CA ALA A 40 0.87 13.08 41.66
C ALA A 40 1.29 13.84 40.40
N SER A 41 0.74 15.04 40.24
CA SER A 41 1.34 16.03 39.37
C SER A 41 2.44 16.76 40.15
N ILE A 42 3.40 17.33 39.41
CA ILE A 42 4.50 18.07 40.01
C ILE A 42 4.60 19.43 39.32
N HIS A 43 4.37 20.50 40.08
CA HIS A 43 4.25 21.84 39.51
C HIS A 43 5.38 22.78 39.87
N SER A 44 6.36 22.35 40.67
CA SER A 44 7.43 23.26 41.07
C SER A 44 8.59 22.45 41.64
N ARG A 45 9.77 23.09 41.64
CA ARG A 45 10.94 22.49 42.27
C ARG A 45 10.67 22.19 43.75
N GLU A 46 10.03 23.13 44.45
CA GLU A 46 9.74 22.91 45.86
C GLU A 46 8.82 21.72 46.07
N GLU A 47 7.76 21.60 45.25
CA GLU A 47 6.90 20.43 45.35
C GLU A 47 7.67 19.16 45.00
N GLU A 48 8.49 19.22 43.95
CA GLU A 48 9.31 18.05 43.60
C GLU A 48 10.22 17.66 44.74
N ALA A 49 10.88 18.63 45.38
CA ALA A 49 11.78 18.33 46.48
C ALA A 49 11.03 17.73 47.66
N PHE A 50 9.82 18.23 47.95
CA PHE A 50 9.01 17.64 49.01
C PHE A 50 8.69 16.18 48.70
N VAL A 51 8.26 15.90 47.47
CA VAL A 51 7.89 14.54 47.12
C VAL A 51 9.11 13.62 47.11
N GLY A 52 10.25 14.13 46.65
CA GLY A 52 11.47 13.34 46.68
C GLY A 52 11.88 12.95 48.09
N LYS A 53 11.65 13.84 49.05
CA LYS A 53 12.02 13.55 50.43
C LYS A 53 11.14 12.45 51.02
N MET A 54 9.84 12.43 50.65
CA MET A 54 8.98 11.34 51.07
C MET A 54 9.49 10.02 50.53
N ALA A 55 9.93 10.00 49.26
CA ALA A 55 10.38 8.77 48.63
C ALA A 55 11.63 8.21 49.32
N SER A 56 12.57 9.09 49.67
CA SER A 56 13.76 8.65 50.38
C SER A 56 13.41 8.02 51.73
N ARG A 57 12.30 8.43 52.34
CA ARG A 57 11.89 7.85 53.61
C ARG A 57 11.23 6.48 53.42
N THR A 58 10.37 6.36 52.42
CA THR A 58 9.57 5.16 52.20
C THR A 58 10.28 4.10 51.38
N LEU A 59 10.94 4.51 50.29
CA LEU A 59 11.46 3.57 49.30
C LEU A 59 12.96 3.37 49.46
N LYS A 60 13.41 2.13 49.31
CA LYS A 60 14.84 1.86 49.15
C LYS A 60 15.29 2.13 47.72
N TYR A 61 14.45 1.87 46.73
CA TYR A 61 14.71 2.22 45.34
C TYR A 61 13.74 3.34 44.98
N THR A 62 14.23 4.57 44.98
CA THR A 62 13.40 5.78 44.99
C THR A 62 13.08 6.22 43.56
N SER A 63 12.21 5.47 42.91
CA SER A 63 11.64 5.85 41.62
C SER A 63 10.13 5.68 41.70
N MET A 64 9.41 6.69 41.22
CA MET A 64 7.96 6.73 41.37
C MET A 64 7.30 7.17 40.08
N TRP A 65 6.20 6.50 39.74
CA TRP A 65 5.31 7.01 38.70
C TRP A 65 4.86 8.42 39.06
N LEU A 66 4.77 9.28 38.06
CA LEU A 66 4.04 10.54 38.14
C LEU A 66 2.78 10.45 37.30
N GLY A 67 1.93 11.46 37.44
CA GLY A 67 0.63 11.44 36.78
C GLY A 67 0.63 11.81 35.31
N LEU A 68 1.72 11.52 34.60
CA LEU A 68 1.81 11.83 33.17
C LEU A 68 1.87 10.53 32.38
N ASN A 69 0.82 10.28 31.60
CA ASN A 69 0.73 9.18 30.66
C ASN A 69 0.82 9.75 29.26
N ASN A 70 1.82 9.32 28.49
CA ASN A 70 2.04 9.68 27.10
C ASN A 70 2.44 11.15 26.97
N PRO A 71 3.75 11.44 27.04
CA PRO A 71 4.21 12.81 26.83
C PRO A 71 3.94 13.33 25.42
N TRP A 72 3.69 12.44 24.46
CA TRP A 72 3.54 12.84 23.06
C TRP A 72 2.08 12.72 22.62
N LYS A 73 1.17 13.10 23.51
CA LYS A 73 -0.24 13.21 23.16
C LYS A 73 -0.49 14.58 22.55
N GLU A 74 -1.19 14.60 21.41
CA GLU A 74 -1.61 15.83 20.74
C GLU A 74 -0.42 16.67 20.26
N CYS A 75 0.60 15.99 19.73
CA CYS A 75 1.70 16.68 19.07
C CYS A 75 1.21 17.33 17.78
N LYS A 76 1.91 18.39 17.36
CA LYS A 76 1.63 19.08 16.11
C LYS A 76 2.84 18.89 15.20
N TRP A 77 2.83 17.80 14.41
CA TRP A 77 3.95 17.49 13.55
C TRP A 77 3.90 18.34 12.29
N GLU A 78 4.99 19.05 12.02
CA GLU A 78 5.10 19.90 10.83
C GLU A 78 6.41 19.61 10.11
N TRP A 79 6.36 19.69 8.78
CA TRP A 79 7.56 19.58 7.95
C TRP A 79 8.27 20.92 7.87
N SER A 80 9.60 20.89 7.91
CA SER A 80 10.37 22.11 7.81
C SER A 80 10.26 22.78 6.44
N ASP A 81 9.86 22.05 5.40
CA ASP A 81 9.61 22.67 4.11
C ASP A 81 8.16 23.13 3.97
N ASP A 82 7.39 23.09 5.05
CA ASP A 82 6.02 23.59 5.09
C ASP A 82 5.07 22.84 4.17
N THR A 83 5.44 21.65 3.71
CA THR A 83 4.49 20.82 3.01
C THR A 83 3.48 20.25 4.00
N ARG A 84 2.27 20.00 3.51
CA ARG A 84 1.20 19.54 4.37
C ARG A 84 1.48 18.13 4.87
N LEU A 85 1.09 17.86 6.11
CA LEU A 85 1.26 16.55 6.71
C LEU A 85 0.04 15.71 6.32
N ASP A 86 0.23 14.80 5.35
CA ASP A 86 -0.78 13.79 5.03
C ASP A 86 -0.24 12.38 5.25
N TYR A 87 0.78 11.98 4.50
CA TYR A 87 1.44 10.72 4.77
C TYR A 87 2.03 10.74 6.17
N LYS A 88 1.71 9.73 6.97
CA LYS A 88 2.12 9.70 8.37
C LYS A 88 2.39 8.26 8.78
N VAL A 89 3.64 7.98 9.18
CA VAL A 89 3.99 6.65 9.67
C VAL A 89 4.72 6.77 11.01
N TRP A 90 4.09 7.42 11.99
CA TRP A 90 4.63 7.48 13.34
C TRP A 90 3.65 6.82 14.29
N THR A 91 4.07 5.72 14.91
CA THR A 91 3.33 5.04 15.97
C THR A 91 4.29 4.76 17.11
N ARG A 92 3.81 4.87 18.34
CA ARG A 92 4.67 4.62 19.49
C ARG A 92 3.84 4.07 20.64
N ARG A 93 4.35 3.02 21.27
CA ARG A 93 3.71 2.43 22.43
C ARG A 93 3.63 3.44 23.56
N PRO A 94 2.74 3.23 24.53
CA PRO A 94 2.56 4.23 25.59
C PRO A 94 3.77 4.27 26.52
N TYR A 95 4.26 5.48 26.77
CA TYR A 95 5.30 5.74 27.76
C TYR A 95 4.72 6.61 28.86
N CYS A 96 5.22 6.40 30.08
CA CYS A 96 4.72 7.08 31.26
C CYS A 96 5.90 7.61 32.06
N THR A 97 5.68 8.68 32.82
CA THR A 97 6.77 9.44 33.41
C THR A 97 7.13 8.92 34.80
N VAL A 98 8.43 8.68 35.00
CA VAL A 98 8.97 8.23 36.28
C VAL A 98 9.83 9.34 36.86
N MET A 99 9.60 9.67 38.12
CA MET A 99 10.47 10.56 38.87
C MET A 99 11.51 9.72 39.59
N VAL A 100 12.79 9.93 39.26
CA VAL A 100 13.89 9.17 39.84
C VAL A 100 14.59 10.07 40.85
N VAL A 101 14.60 9.64 42.12
CA VAL A 101 15.26 10.38 43.19
C VAL A 101 16.65 9.79 43.35
N LYS A 102 17.67 10.60 43.05
CA LYS A 102 19.05 10.26 43.35
C LYS A 102 19.52 11.12 44.51
N THR A 103 20.58 10.66 45.19
CA THR A 103 21.04 11.40 46.37
C THR A 103 21.60 12.78 46.00
N ASP A 104 22.03 12.96 44.76
CA ASP A 104 22.58 14.22 44.28
C ASP A 104 21.58 15.04 43.46
N ARG A 105 20.59 14.40 42.85
CA ARG A 105 19.77 15.05 41.84
C ARG A 105 18.41 14.36 41.79
N ILE A 106 17.45 15.04 41.18
CA ILE A 106 16.17 14.46 40.80
C ILE A 106 16.00 14.69 39.31
N PHE A 107 15.54 13.66 38.59
CA PHE A 107 15.23 13.81 37.18
C PHE A 107 14.04 12.93 36.83
N TRP A 108 13.40 13.25 35.71
CA TRP A 108 12.30 12.47 35.18
C TRP A 108 12.74 11.72 33.93
N PHE A 109 12.18 10.55 33.71
CA PHE A 109 12.38 9.86 32.45
C PHE A 109 11.15 9.00 32.17
N ASN A 110 11.01 8.60 30.91
CA ASN A 110 9.80 7.90 30.47
C ASN A 110 10.08 6.42 30.35
N ARG A 111 9.16 5.61 30.85
CA ARG A 111 9.22 4.16 30.75
C ARG A 111 7.91 3.66 30.16
N GLY A 112 7.97 2.46 29.58
CA GLY A 112 6.76 1.83 29.08
C GLY A 112 5.72 1.73 30.19
N CYS A 113 4.50 2.19 29.91
CA CYS A 113 3.48 2.25 30.94
C CYS A 113 3.15 0.88 31.52
N GLU A 114 3.55 -0.20 30.84
CA GLU A 114 3.30 -1.54 31.33
C GLU A 114 4.32 -1.99 32.38
N LYS A 115 5.38 -1.23 32.63
CA LYS A 115 6.38 -1.59 33.62
C LYS A 115 5.85 -1.36 35.03
N SER A 116 6.47 -2.03 36.01
CA SER A 116 6.04 -1.98 37.40
C SER A 116 6.96 -1.07 38.22
N VAL A 117 6.42 0.02 38.74
CA VAL A 117 7.17 1.03 39.49
C VAL A 117 6.40 1.37 40.75
N SER A 118 7.12 1.76 41.80
CA SER A 118 6.49 2.42 42.93
C SER A 118 5.84 3.73 42.46
N PHE A 119 5.06 4.35 43.35
CA PHE A 119 4.29 5.52 42.91
C PHE A 119 3.94 6.39 44.11
N VAL A 120 3.45 7.60 43.81
CA VAL A 120 3.02 8.55 44.83
C VAL A 120 1.65 9.09 44.44
N CYS A 121 0.73 9.13 45.40
CA CYS A 121 -0.60 9.67 45.20
C CYS A 121 -0.70 11.09 45.78
N LYS A 122 -1.72 11.81 45.34
CA LYS A 122 -1.88 13.21 45.68
C LYS A 122 -3.33 13.61 45.49
N PHE A 123 -3.87 14.38 46.44
CA PHE A 123 -5.18 14.99 46.28
C PHE A 123 -5.17 16.35 46.96
N LYS A 124 -6.16 17.18 46.62
CA LYS A 124 -6.28 18.51 47.20
C LYS A 124 -7.08 18.44 48.49
N ALA A 125 -6.54 19.03 49.55
CA ALA A 125 -7.20 19.04 50.85
C ALA A 125 -8.44 19.94 50.81
N ASP B 1 41.47 -19.12 37.95
CA ASP B 1 42.58 -18.17 37.98
C ASP B 1 42.29 -16.97 37.08
N CYS B 2 42.33 -15.78 37.66
CA CYS B 2 41.89 -14.57 36.99
C CYS B 2 42.89 -13.45 37.22
N PRO B 3 43.06 -12.55 36.26
CA PRO B 3 43.90 -11.37 36.48
C PRO B 3 43.30 -10.43 37.52
N SER B 4 44.14 -9.57 38.05
CA SER B 4 43.72 -8.66 39.11
C SER B 4 42.59 -7.76 38.61
N GLY B 5 41.59 -7.56 39.48
CA GLY B 5 40.39 -6.82 39.14
C GLY B 5 39.21 -7.70 38.76
N TRP B 6 39.46 -8.96 38.46
CA TRP B 6 38.42 -9.92 38.09
C TRP B 6 38.20 -10.91 39.22
N SER B 7 36.97 -11.41 39.33
CA SER B 7 36.62 -12.41 40.33
C SER B 7 36.36 -13.75 39.65
N SER B 8 36.85 -14.81 40.28
CA SER B 8 36.76 -16.15 39.69
C SER B 8 35.49 -16.84 40.17
N TYR B 9 34.88 -17.61 39.26
CA TYR B 9 33.75 -18.46 39.61
C TYR B 9 33.58 -19.50 38.51
N ASP B 10 33.66 -20.78 38.88
CA ASP B 10 33.32 -21.89 37.99
C ASP B 10 34.16 -21.87 36.70
N GLY B 11 35.47 -21.67 36.87
CA GLY B 11 36.37 -21.65 35.74
C GLY B 11 36.28 -20.42 34.86
N HIS B 12 35.47 -19.42 35.24
CA HIS B 12 35.33 -18.19 34.48
C HIS B 12 35.70 -17.00 35.35
N CYS B 13 35.97 -15.87 34.68
CA CYS B 13 36.39 -14.64 35.34
C CYS B 13 35.41 -13.53 35.00
N TYR B 14 35.03 -12.77 36.02
CA TYR B 14 34.00 -11.75 35.90
C TYR B 14 34.51 -10.41 36.42
N GLN B 15 34.01 -9.33 35.83
CA GLN B 15 34.25 -8.00 36.36
C GLN B 15 33.07 -7.11 36.00
N VAL B 16 32.58 -6.35 36.97
CA VAL B 16 31.46 -5.45 36.74
C VAL B 16 32.00 -4.04 36.56
N PHE B 17 31.49 -3.33 35.55
CA PHE B 17 31.92 -1.98 35.26
C PHE B 17 30.73 -1.05 35.47
N SER B 18 30.95 0.06 36.17
CA SER B 18 29.87 1.00 36.45
C SER B 18 29.59 1.94 35.29
N ASP B 19 30.58 2.18 34.43
CA ASP B 19 30.40 3.11 33.30
C ASP B 19 29.18 2.72 32.50
N LEU B 20 28.29 3.68 32.29
CA LEU B 20 27.03 3.44 31.59
C LEU B 20 27.27 3.45 30.08
N LYS B 21 27.07 2.31 29.44
CA LYS B 21 27.23 2.20 27.99
C LYS B 21 26.00 1.52 27.40
N ASN B 22 25.77 1.77 26.10
CA ASN B 22 24.76 0.99 25.41
C ASN B 22 25.29 -0.44 25.21
N TRP B 23 24.41 -1.31 24.71
CA TRP B 23 24.77 -2.73 24.67
C TRP B 23 25.94 -3.00 23.73
N ASP B 24 25.94 -2.34 22.56
CA ASP B 24 27.02 -2.56 21.61
C ASP B 24 28.35 -2.06 22.16
N ASP B 25 28.38 -0.85 22.73
CA ASP B 25 29.60 -0.32 23.32
C ASP B 25 30.04 -1.13 24.53
N ALA B 26 29.07 -1.62 25.32
CA ALA B 26 29.43 -2.49 26.44
C ALA B 26 30.04 -3.79 25.95
N GLU B 27 29.45 -4.39 24.91
CA GLU B 27 29.98 -5.65 24.39
C GLU B 27 31.38 -5.46 23.82
N SER B 28 31.60 -4.37 23.09
CA SER B 28 32.93 -4.14 22.52
C SER B 28 33.94 -3.80 23.61
N PHE B 29 33.51 -3.09 24.66
CA PHE B 29 34.43 -2.78 25.76
C PHE B 29 34.91 -4.06 26.43
N CYS B 30 34.00 -5.00 26.67
CA CYS B 30 34.39 -6.28 27.25
C CYS B 30 35.41 -6.98 26.37
N SER B 31 35.17 -7.02 25.05
CA SER B 31 36.06 -7.71 24.12
C SER B 31 37.49 -7.19 24.19
N GLY B 32 37.67 -5.89 24.43
CA GLY B 32 38.99 -5.32 24.55
C GLY B 32 39.66 -5.55 25.89
N GLN B 33 38.92 -6.05 26.88
CA GLN B 33 39.48 -6.23 28.21
C GLN B 33 40.35 -7.48 28.30
N HIS B 34 39.94 -8.56 27.63
CA HIS B 34 40.63 -9.82 27.74
C HIS B 34 40.23 -10.70 26.57
N GLU B 35 41.05 -11.72 26.31
CA GLU B 35 40.75 -12.69 25.26
C GLU B 35 39.51 -13.49 25.64
N GLY B 36 38.55 -13.54 24.73
CA GLY B 36 37.33 -14.29 24.99
C GLY B 36 36.37 -13.64 25.95
N SER B 37 36.55 -12.35 26.24
CA SER B 37 35.67 -11.64 27.17
C SER B 37 34.54 -10.95 26.42
N ARG B 38 33.32 -11.15 26.90
CA ARG B 38 32.13 -10.49 26.37
C ARG B 38 31.15 -10.27 27.50
N LEU B 39 30.02 -9.63 27.19
CA LEU B 39 28.96 -9.47 28.17
C LEU B 39 28.53 -10.83 28.71
N ALA B 40 28.32 -10.89 30.02
CA ALA B 40 28.14 -12.18 30.69
C ALA B 40 26.85 -12.86 30.28
N SER B 41 26.95 -14.14 29.94
CA SER B 41 25.81 -15.04 29.91
C SER B 41 25.60 -15.61 31.31
N ILE B 42 24.34 -15.93 31.63
CA ILE B 42 23.97 -16.42 32.96
C ILE B 42 23.29 -17.76 32.77
N HIS B 43 23.95 -18.84 33.20
CA HIS B 43 23.49 -20.19 32.90
C HIS B 43 22.79 -20.88 34.07
N SER B 44 22.77 -20.29 35.26
CA SER B 44 22.16 -20.96 36.41
C SER B 44 21.84 -19.94 37.49
N ARG B 45 21.02 -20.38 38.46
CA ARG B 45 20.77 -19.55 39.63
C ARG B 45 22.06 -19.28 40.39
N GLU B 46 22.95 -20.27 40.46
CA GLU B 46 24.19 -20.12 41.19
C GLU B 46 25.08 -19.06 40.55
N GLU B 47 25.24 -19.11 39.22
CA GLU B 47 26.01 -18.08 38.54
C GLU B 47 25.33 -16.72 38.67
N GLU B 48 24.00 -16.69 38.58
CA GLU B 48 23.26 -15.45 38.76
C GLU B 48 23.50 -14.87 40.15
N ALA B 49 23.44 -15.71 41.18
CA ALA B 49 23.65 -15.22 42.54
C ALA B 49 25.05 -14.66 42.72
N PHE B 50 26.05 -15.32 42.12
CA PHE B 50 27.42 -14.82 42.22
C PHE B 50 27.54 -13.45 41.54
N VAL B 51 27.02 -13.33 40.33
CA VAL B 51 27.12 -12.06 39.60
C VAL B 51 26.36 -10.96 40.34
N GLY B 52 25.21 -11.30 40.91
CA GLY B 52 24.45 -10.30 41.66
C GLY B 52 25.23 -9.79 42.87
N LYS B 53 25.95 -10.68 43.56
CA LYS B 53 26.75 -10.24 44.70
C LYS B 53 27.87 -9.32 44.25
N MET B 54 28.47 -9.59 43.09
CA MET B 54 29.41 -8.63 42.51
C MET B 54 28.75 -7.26 42.34
N ALA B 55 27.56 -7.23 41.72
CA ALA B 55 26.84 -5.97 41.55
C ALA B 55 26.58 -5.29 42.88
N SER B 56 26.09 -6.04 43.88
CA SER B 56 25.84 -5.45 45.19
C SER B 56 27.11 -4.85 45.79
N ARG B 57 28.27 -5.42 45.48
CA ARG B 57 29.54 -4.95 46.01
C ARG B 57 30.13 -3.79 45.22
N THR B 58 29.87 -3.73 43.92
CA THR B 58 30.54 -2.80 43.02
C THR B 58 29.70 -1.58 42.64
N LEU B 59 28.37 -1.73 42.51
CA LEU B 59 27.53 -0.72 41.89
C LEU B 59 26.62 -0.06 42.90
N LYS B 60 26.50 1.26 42.80
CA LYS B 60 25.45 1.96 43.53
C LYS B 60 24.07 1.54 43.01
N TYR B 61 23.87 1.60 41.70
CA TYR B 61 22.60 1.21 41.09
C TYR B 61 22.80 -0.12 40.36
N THR B 62 22.17 -1.17 40.88
CA THR B 62 22.52 -2.55 40.54
C THR B 62 21.64 -3.06 39.39
N SER B 63 21.92 -2.54 38.20
CA SER B 63 21.35 -3.05 36.96
C SER B 63 22.46 -3.14 35.93
N MET B 64 22.56 -4.29 35.26
CA MET B 64 23.69 -4.59 34.39
C MET B 64 23.21 -5.21 33.09
N TRP B 65 23.86 -4.82 31.99
CA TRP B 65 23.68 -5.52 30.73
C TRP B 65 24.14 -6.97 30.86
N LEU B 66 23.32 -7.88 30.34
CA LEU B 66 23.74 -9.27 30.12
C LEU B 66 23.99 -9.48 28.63
N GLY B 67 24.55 -10.64 28.30
CA GLY B 67 24.95 -10.92 26.94
C GLY B 67 23.84 -11.38 26.00
N LEU B 68 22.63 -10.84 26.16
CA LEU B 68 21.50 -11.22 25.31
C LEU B 68 21.05 -9.98 24.55
N ASN B 69 21.25 -10.00 23.24
CA ASN B 69 20.75 -8.96 22.34
C ASN B 69 19.62 -9.55 21.52
N ASN B 70 18.43 -8.95 21.62
CA ASN B 70 17.21 -9.33 20.91
C ASN B 70 16.67 -10.68 21.36
N PRO B 71 15.81 -10.70 22.38
CA PRO B 71 15.19 -11.98 22.80
C PRO B 71 14.27 -12.57 21.73
N TRP B 72 13.86 -11.77 20.75
CA TRP B 72 12.91 -12.21 19.73
C TRP B 72 13.60 -12.29 18.37
N LYS B 73 14.81 -12.83 18.37
CA LYS B 73 15.52 -13.16 17.14
C LYS B 73 15.07 -14.54 16.67
N GLU B 74 14.73 -14.63 15.38
CA GLU B 74 14.34 -15.88 14.75
C GLU B 74 13.12 -16.51 15.44
N CYS B 75 12.13 -15.69 15.73
CA CYS B 75 10.85 -16.24 16.16
C CYS B 75 10.17 -16.96 15.00
N LYS B 76 9.31 -17.92 15.34
CA LYS B 76 8.50 -18.66 14.37
C LYS B 76 7.04 -18.31 14.67
N TRP B 77 6.54 -17.26 14.03
CA TRP B 77 5.18 -16.80 14.27
C TRP B 77 4.21 -17.67 13.47
N GLU B 78 3.26 -18.32 14.16
CA GLU B 78 2.27 -19.18 13.53
C GLU B 78 0.86 -18.77 13.92
N TRP B 79 -0.06 -18.83 12.97
CA TRP B 79 -1.47 -18.60 13.25
C TRP B 79 -2.09 -19.84 13.88
N SER B 80 -2.98 -19.64 14.84
CA SER B 80 -3.63 -20.76 15.48
C SER B 80 -4.53 -21.55 14.52
N ASP B 81 -5.02 -20.92 13.45
CA ASP B 81 -5.82 -21.61 12.44
C ASP B 81 -4.97 -22.21 11.32
N ASP B 82 -3.63 -22.15 11.46
CA ASP B 82 -2.66 -22.78 10.56
C ASP B 82 -2.64 -22.18 9.17
N THR B 83 -3.22 -21.00 8.98
CA THR B 83 -2.99 -20.28 7.73
C THR B 83 -1.53 -19.81 7.66
N ARG B 84 -1.02 -19.72 6.44
CA ARG B 84 0.39 -19.41 6.24
C ARG B 84 0.68 -17.97 6.61
N LEU B 85 1.84 -17.76 7.24
CA LEU B 85 2.29 -16.41 7.59
C LEU B 85 2.78 -15.69 6.35
N ASP B 86 1.98 -14.75 5.84
CA ASP B 86 2.38 -13.93 4.71
C ASP B 86 2.33 -12.46 5.09
N TYR B 87 1.14 -11.88 5.25
CA TYR B 87 1.03 -10.52 5.77
C TYR B 87 1.68 -10.44 7.14
N LYS B 88 2.53 -9.44 7.34
CA LYS B 88 3.27 -9.29 8.59
C LYS B 88 3.41 -7.81 8.89
N VAL B 89 2.92 -7.40 10.08
CA VAL B 89 3.05 -6.02 10.52
C VAL B 89 3.55 -6.02 11.96
N TRP B 90 4.70 -6.66 12.19
CA TRP B 90 5.35 -6.64 13.50
C TRP B 90 6.76 -6.10 13.32
N THR B 91 6.98 -4.86 13.78
CA THR B 91 8.30 -4.27 13.83
C THR B 91 8.53 -3.72 15.22
N ARG B 92 9.67 -4.07 15.82
CA ARG B 92 9.99 -3.65 17.18
C ARG B 92 11.44 -3.22 17.23
N ARG B 93 11.69 -2.11 17.95
CA ARG B 93 13.05 -1.60 18.11
C ARG B 93 13.92 -2.63 18.84
N PRO B 94 15.25 -2.51 18.75
CA PRO B 94 16.12 -3.52 19.38
C PRO B 94 16.01 -3.45 20.91
N TYR B 95 15.77 -4.61 21.52
CA TYR B 95 15.70 -4.76 22.96
C TYR B 95 16.81 -5.69 23.43
N CYS B 96 17.36 -5.38 24.60
CA CYS B 96 18.49 -6.12 25.15
C CYS B 96 18.24 -6.34 26.63
N THR B 97 18.85 -7.39 27.19
CA THR B 97 18.45 -7.91 28.49
C THR B 97 19.26 -7.28 29.62
N VAL B 98 18.56 -6.81 30.64
CA VAL B 98 19.16 -6.22 31.84
C VAL B 98 18.95 -7.18 33.00
N MET B 99 19.97 -7.33 33.83
CA MET B 99 19.85 -8.02 35.10
C MET B 99 19.71 -6.96 36.20
N VAL B 100 18.63 -7.08 36.99
CA VAL B 100 18.28 -6.09 38.00
C VAL B 100 18.31 -6.77 39.36
N VAL B 101 19.15 -6.28 40.25
CA VAL B 101 19.26 -6.77 41.63
C VAL B 101 18.59 -5.74 42.53
N LYS B 102 17.60 -6.19 43.34
CA LYS B 102 16.86 -5.29 44.23
C LYS B 102 16.65 -5.98 45.58
N THR B 103 17.67 -5.90 46.44
CA THR B 103 17.64 -6.37 47.82
C THR B 103 17.22 -7.83 47.94
N ASP B 104 15.91 -8.10 47.89
CA ASP B 104 15.37 -9.43 48.14
C ASP B 104 15.20 -10.26 46.89
N ARG B 105 15.50 -9.74 45.70
CA ARG B 105 15.20 -10.49 44.49
C ARG B 105 16.06 -10.01 43.32
N ILE B 106 16.33 -10.94 42.42
CA ILE B 106 16.97 -10.67 41.13
C ILE B 106 16.01 -11.09 40.02
N PHE B 107 15.85 -10.24 39.00
CA PHE B 107 15.03 -10.58 37.84
C PHE B 107 15.65 -9.97 36.59
N TRP B 108 15.22 -10.46 35.43
CA TRP B 108 15.71 -9.99 34.15
C TRP B 108 14.63 -9.19 33.44
N PHE B 109 15.04 -8.07 32.85
CA PHE B 109 14.16 -7.17 32.14
C PHE B 109 14.78 -6.84 30.79
N ASN B 110 13.93 -6.49 29.83
CA ASN B 110 14.40 -6.10 28.51
C ASN B 110 14.22 -4.60 28.33
N ARG B 111 15.30 -3.93 27.92
CA ARG B 111 15.30 -2.49 27.67
C ARG B 111 15.87 -2.24 26.28
N GLY B 112 15.64 -1.04 25.78
CA GLY B 112 16.21 -0.63 24.50
C GLY B 112 17.72 -0.72 24.48
N CYS B 113 18.28 -1.37 23.46
CA CYS B 113 19.72 -1.58 23.41
C CYS B 113 20.50 -0.27 23.39
N GLU B 114 19.85 0.84 23.05
CA GLU B 114 20.52 2.14 23.03
C GLU B 114 20.64 2.78 24.40
N LYS B 115 20.04 2.19 25.43
CA LYS B 115 20.10 2.77 26.77
C LYS B 115 21.49 2.58 27.37
N SER B 116 21.90 3.54 28.20
CA SER B 116 23.19 3.49 28.87
C SER B 116 23.01 2.81 30.22
N VAL B 117 23.64 1.64 30.37
CA VAL B 117 23.55 0.81 31.57
C VAL B 117 24.93 0.33 31.94
N SER B 118 25.14 0.08 33.24
CA SER B 118 26.33 -0.64 33.66
C SER B 118 26.27 -2.07 33.11
N PHE B 119 27.37 -2.80 33.25
CA PHE B 119 27.44 -4.12 32.61
C PHE B 119 28.44 -5.00 33.35
N VAL B 120 28.47 -6.26 32.95
CA VAL B 120 29.37 -7.24 33.54
C VAL B 120 30.00 -8.07 32.41
N CYS B 121 31.32 -8.18 32.43
CA CYS B 121 32.09 -8.92 31.45
C CYS B 121 32.45 -10.30 32.00
N LYS B 122 32.67 -11.24 31.09
CA LYS B 122 32.91 -12.62 31.47
C LYS B 122 33.78 -13.29 30.42
N PHE B 123 34.77 -14.05 30.87
CA PHE B 123 35.56 -14.88 29.96
C PHE B 123 35.98 -16.15 30.70
N LYS B 124 36.32 -17.18 29.92
CA LYS B 124 36.77 -18.44 30.48
C LYS B 124 38.28 -18.41 30.67
N ALA B 125 38.73 -18.68 31.89
CA ALA B 125 40.14 -18.62 32.25
C ALA B 125 40.98 -19.62 31.46
N ASP C 1 -27.68 -32.72 -43.75
CA ASP C 1 -27.44 -33.01 -42.34
C ASP C 1 -27.44 -31.73 -41.50
N CYS C 2 -27.79 -30.62 -42.13
CA CYS C 2 -28.00 -29.36 -41.42
C CYS C 2 -29.40 -28.85 -41.70
N PRO C 3 -30.13 -28.40 -40.68
CA PRO C 3 -31.51 -27.97 -40.90
C PRO C 3 -31.61 -26.63 -41.62
N SER C 4 -32.83 -26.21 -41.89
CA SER C 4 -33.08 -25.01 -42.71
C SER C 4 -32.37 -23.79 -42.13
N GLY C 5 -31.71 -23.03 -43.00
CA GLY C 5 -30.99 -21.85 -42.61
C GLY C 5 -29.55 -22.07 -42.19
N TRP C 6 -29.16 -23.31 -41.93
CA TRP C 6 -27.82 -23.63 -41.46
C TRP C 6 -26.99 -24.19 -42.62
N SER C 7 -25.85 -23.58 -42.86
CA SER C 7 -24.93 -24.02 -43.90
C SER C 7 -23.97 -25.06 -43.36
N SER C 8 -23.70 -26.09 -44.16
CA SER C 8 -22.92 -27.24 -43.72
C SER C 8 -21.48 -27.13 -44.17
N TYR C 9 -20.56 -27.59 -43.32
CA TYR C 9 -19.15 -27.73 -43.70
C TYR C 9 -18.46 -28.69 -42.76
N ASP C 10 -17.80 -29.71 -43.33
CA ASP C 10 -16.98 -30.66 -42.59
C ASP C 10 -17.68 -31.18 -41.33
N GLY C 11 -18.91 -31.66 -41.52
CA GLY C 11 -19.65 -32.26 -40.43
C GLY C 11 -20.18 -31.31 -39.40
N HIS C 12 -20.21 -30.01 -39.67
CA HIS C 12 -20.76 -29.03 -38.74
C HIS C 12 -21.74 -28.13 -39.49
N CYS C 13 -22.54 -27.39 -38.72
CA CYS C 13 -23.54 -26.48 -39.26
C CYS C 13 -23.27 -25.07 -38.76
N TYR C 14 -23.49 -24.09 -39.63
CA TYR C 14 -23.13 -22.70 -39.33
C TYR C 14 -24.27 -21.79 -39.75
N GLN C 15 -24.43 -20.70 -39.01
CA GLN C 15 -25.36 -19.64 -39.41
C GLN C 15 -24.86 -18.31 -38.90
N VAL C 16 -24.93 -17.28 -39.75
CA VAL C 16 -24.52 -15.93 -39.42
C VAL C 16 -25.75 -15.11 -39.06
N PHE C 17 -25.62 -14.26 -38.04
CA PHE C 17 -26.71 -13.41 -37.58
C PHE C 17 -26.26 -11.96 -37.60
N SER C 18 -27.12 -11.09 -38.15
CA SER C 18 -26.76 -9.71 -38.42
C SER C 18 -26.86 -8.80 -37.20
N ASP C 19 -27.68 -9.15 -36.22
CA ASP C 19 -27.96 -8.24 -35.12
C ASP C 19 -26.73 -8.10 -34.22
N LEU C 20 -26.39 -6.85 -33.88
CA LEU C 20 -25.21 -6.56 -33.08
C LEU C 20 -25.49 -6.87 -31.61
N LYS C 21 -24.70 -7.78 -31.04
CA LYS C 21 -24.83 -8.16 -29.64
C LYS C 21 -23.44 -8.32 -29.04
N ASN C 22 -23.38 -8.27 -27.70
CA ASN C 22 -22.13 -8.53 -27.02
C ASN C 22 -21.85 -10.03 -27.00
N TRP C 23 -20.64 -10.38 -26.58
CA TRP C 23 -20.21 -11.78 -26.67
C TRP C 23 -21.07 -12.69 -25.82
N ASP C 24 -21.40 -12.27 -24.59
CA ASP C 24 -22.25 -13.08 -23.73
C ASP C 24 -23.63 -13.28 -24.35
N ASP C 25 -24.25 -12.20 -24.82
CA ASP C 25 -25.58 -12.30 -25.42
C ASP C 25 -25.53 -13.11 -26.70
N ALA C 26 -24.52 -12.88 -27.55
CA ALA C 26 -24.37 -13.67 -28.76
C ALA C 26 -24.17 -15.14 -28.44
N GLU C 27 -23.36 -15.44 -27.42
CA GLU C 27 -23.06 -16.83 -27.08
C GLU C 27 -24.32 -17.57 -26.63
N SER C 28 -25.18 -16.91 -25.86
CA SER C 28 -26.40 -17.57 -25.41
C SER C 28 -27.53 -17.39 -26.40
N PHE C 29 -27.40 -16.46 -27.36
CA PHE C 29 -28.32 -16.46 -28.48
C PHE C 29 -28.17 -17.74 -29.30
N CYS C 30 -26.93 -18.11 -29.61
CA CYS C 30 -26.67 -19.38 -30.28
C CYS C 30 -27.18 -20.56 -29.48
N SER C 31 -27.17 -20.44 -28.14
CA SER C 31 -27.62 -21.54 -27.29
C SER C 31 -29.03 -21.98 -27.65
N GLY C 32 -29.92 -21.03 -27.94
CA GLY C 32 -31.30 -21.36 -28.23
C GLY C 32 -31.63 -21.69 -29.67
N GLN C 33 -30.70 -21.42 -30.60
CA GLN C 33 -30.97 -21.69 -32.01
C GLN C 33 -30.90 -23.18 -32.30
N HIS C 34 -30.08 -23.89 -31.53
CA HIS C 34 -29.92 -25.35 -31.75
C HIS C 34 -29.11 -25.93 -30.58
N GLU C 35 -29.32 -27.22 -30.29
CA GLU C 35 -28.57 -27.88 -29.19
C GLU C 35 -27.08 -27.88 -29.55
N GLY C 36 -26.23 -27.50 -28.59
CA GLY C 36 -24.77 -27.51 -28.83
C GLY C 36 -24.35 -26.42 -29.80
N SER C 37 -25.21 -25.43 -30.01
CA SER C 37 -24.88 -24.30 -30.91
C SER C 37 -24.21 -23.18 -30.11
N ARG C 38 -22.90 -22.96 -30.33
CA ARG C 38 -22.20 -21.88 -29.68
C ARG C 38 -21.58 -20.98 -30.75
N LEU C 39 -20.90 -19.94 -30.29
CA LEU C 39 -20.10 -19.13 -31.22
C LEU C 39 -19.02 -20.01 -31.84
N ALA C 40 -18.83 -19.83 -33.14
CA ALA C 40 -18.00 -20.75 -33.91
C ALA C 40 -16.55 -20.72 -33.46
N SER C 41 -15.97 -21.90 -33.33
CA SER C 41 -14.52 -22.07 -33.33
C SER C 41 -14.03 -22.25 -34.76
N ILE C 42 -12.77 -21.88 -35.01
CA ILE C 42 -12.17 -21.98 -36.34
C ILE C 42 -10.89 -22.79 -36.22
N HIS C 43 -10.79 -23.86 -37.00
CA HIS C 43 -9.67 -24.79 -36.89
C HIS C 43 -8.80 -24.90 -38.13
N SER C 44 -9.07 -24.13 -39.18
CA SER C 44 -8.31 -24.27 -40.41
C SER C 44 -8.55 -23.05 -41.28
N ARG C 45 -7.60 -22.82 -42.21
CA ARG C 45 -7.80 -21.78 -43.21
C ARG C 45 -9.08 -22.02 -43.99
N GLU C 46 -9.35 -23.29 -44.32
CA GLU C 46 -10.51 -23.61 -45.15
C GLU C 46 -11.81 -23.30 -44.42
N GLU C 47 -11.93 -23.74 -43.16
CA GLU C 47 -13.12 -23.40 -42.38
C GLU C 47 -13.25 -21.88 -42.23
N GLU C 48 -12.13 -21.19 -42.01
CA GLU C 48 -12.15 -19.74 -41.93
C GLU C 48 -12.64 -19.12 -43.23
N ALA C 49 -12.15 -19.63 -44.36
CA ALA C 49 -12.61 -19.11 -45.65
C ALA C 49 -14.10 -19.39 -45.85
N PHE C 50 -14.55 -20.59 -45.47
CA PHE C 50 -15.97 -20.92 -45.55
C PHE C 50 -16.81 -19.96 -44.71
N VAL C 51 -16.40 -19.74 -43.45
CA VAL C 51 -17.16 -18.84 -42.59
C VAL C 51 -17.09 -17.42 -43.12
N GLY C 52 -15.93 -17.02 -43.63
CA GLY C 52 -15.79 -15.68 -44.20
C GLY C 52 -16.70 -15.44 -45.38
N LYS C 53 -16.88 -16.46 -46.23
CA LYS C 53 -17.81 -16.31 -47.35
C LYS C 53 -19.24 -16.16 -46.85
N MET C 54 -19.58 -16.79 -45.72
CA MET C 54 -20.93 -16.65 -45.18
C MET C 54 -21.20 -15.21 -44.79
N ALA C 55 -20.25 -14.58 -44.10
CA ALA C 55 -20.41 -13.18 -43.72
C ALA C 55 -20.53 -12.29 -44.95
N SER C 56 -19.74 -12.57 -45.99
CA SER C 56 -19.76 -11.76 -47.20
C SER C 56 -21.13 -11.75 -47.87
N ARG C 57 -21.86 -12.86 -47.80
CA ARG C 57 -23.20 -12.90 -48.38
C ARG C 57 -24.20 -12.15 -47.51
N THR C 58 -24.08 -12.29 -46.20
CA THR C 58 -25.09 -11.80 -45.26
C THR C 58 -24.86 -10.34 -44.86
N LEU C 59 -23.71 -10.06 -44.24
CA LEU C 59 -23.48 -8.78 -43.57
C LEU C 59 -22.89 -7.74 -44.51
N LYS C 60 -23.28 -6.48 -44.28
CA LYS C 60 -22.60 -5.35 -44.93
C LYS C 60 -21.30 -5.04 -44.21
N TYR C 61 -21.37 -4.89 -42.88
CA TYR C 61 -20.19 -4.77 -42.05
C TYR C 61 -19.79 -6.18 -41.62
N THR C 62 -18.84 -6.77 -42.33
CA THR C 62 -18.49 -8.18 -42.15
C THR C 62 -17.51 -8.32 -40.97
N SER C 63 -18.08 -8.29 -39.77
CA SER C 63 -17.35 -8.53 -38.53
C SER C 63 -18.18 -9.46 -37.66
N MET C 64 -17.56 -10.51 -37.13
CA MET C 64 -18.30 -11.52 -36.39
C MET C 64 -17.55 -11.96 -35.15
N TRP C 65 -18.29 -12.14 -34.05
CA TRP C 65 -17.76 -12.81 -32.87
C TRP C 65 -17.35 -14.24 -33.21
N LEU C 66 -16.23 -14.68 -32.65
CA LEU C 66 -15.88 -16.09 -32.65
C LEU C 66 -15.97 -16.62 -31.22
N GLY C 67 -15.78 -17.92 -31.06
CA GLY C 67 -15.98 -18.56 -29.78
C GLY C 67 -14.82 -18.47 -28.80
N LEU C 68 -14.12 -17.35 -28.75
CA LEU C 68 -12.97 -17.17 -27.87
C LEU C 68 -13.22 -15.98 -26.96
N ASN C 69 -13.41 -16.26 -25.67
CA ASN C 69 -13.52 -15.25 -24.63
C ASN C 69 -12.24 -15.28 -23.80
N ASN C 70 -11.58 -14.11 -23.69
CA ASN C 70 -10.37 -13.90 -22.92
C ASN C 70 -9.20 -14.69 -23.49
N PRO C 71 -8.49 -14.14 -24.49
CA PRO C 71 -7.29 -14.81 -25.01
C PRO C 71 -6.18 -14.95 -23.98
N TRP C 72 -6.25 -14.22 -22.87
CA TRP C 72 -5.20 -14.22 -21.85
C TRP C 72 -5.67 -14.86 -20.56
N LYS C 73 -6.47 -15.92 -20.70
CA LYS C 73 -6.84 -16.76 -19.57
C LYS C 73 -5.70 -17.74 -19.26
N GLU C 74 -5.32 -17.80 -17.99
CA GLU C 74 -4.32 -18.77 -17.51
C GLU C 74 -2.96 -18.57 -18.18
N CYS C 75 -2.55 -17.32 -18.36
CA CYS C 75 -1.20 -17.05 -18.78
C CYS C 75 -0.21 -17.44 -17.68
N LYS C 76 1.04 -17.66 -18.08
CA LYS C 76 2.14 -17.94 -17.16
C LYS C 76 3.16 -16.83 -17.32
N TRP C 77 3.04 -15.78 -16.51
CA TRP C 77 3.94 -14.65 -16.59
C TRP C 77 5.23 -14.98 -15.85
N GLU C 78 6.36 -14.88 -16.54
CA GLU C 78 7.67 -15.17 -15.96
C GLU C 78 8.63 -14.01 -16.21
N TRP C 79 9.48 -13.73 -15.24
CA TRP C 79 10.50 -12.72 -15.38
C TRP C 79 11.70 -13.28 -16.15
N SER C 80 12.26 -12.45 -17.04
CA SER C 80 13.41 -12.87 -17.83
C SER C 80 14.63 -13.18 -16.97
N ASP C 81 14.71 -12.62 -15.76
CA ASP C 81 15.80 -12.95 -14.84
C ASP C 81 15.44 -14.07 -13.88
N ASP C 82 14.35 -14.78 -14.14
CA ASP C 82 13.94 -15.97 -13.39
C ASP C 82 13.62 -15.68 -11.93
N THR C 83 13.39 -14.42 -11.57
CA THR C 83 12.90 -14.12 -10.24
C THR C 83 11.43 -14.51 -10.11
N ARG C 84 11.01 -14.78 -8.88
CA ARG C 84 9.65 -15.24 -8.63
C ARG C 84 8.64 -14.14 -8.94
N LEU C 85 7.51 -14.54 -9.51
CA LEU C 85 6.39 -13.63 -9.72
C LEU C 85 5.62 -13.49 -8.42
N ASP C 86 5.71 -12.31 -7.80
CA ASP C 86 4.94 -12.03 -6.59
C ASP C 86 4.18 -10.72 -6.75
N TYR C 87 4.90 -9.61 -6.78
CA TYR C 87 4.30 -8.33 -7.10
C TYR C 87 3.72 -8.36 -8.52
N LYS C 88 2.46 -7.97 -8.65
CA LYS C 88 1.77 -8.09 -9.93
C LYS C 88 0.78 -6.94 -10.07
N VAL C 89 0.94 -6.16 -11.14
CA VAL C 89 0.03 -5.05 -11.39
C VAL C 89 -0.40 -5.07 -12.85
N TRP C 90 -1.02 -6.18 -13.26
CA TRP C 90 -1.60 -6.32 -14.60
C TRP C 90 -3.08 -6.64 -14.44
N THR C 91 -3.93 -5.71 -14.86
CA THR C 91 -5.38 -5.93 -14.91
C THR C 91 -5.91 -5.42 -16.24
N ARG C 92 -6.86 -6.14 -16.80
CA ARG C 92 -7.37 -5.81 -18.12
C ARG C 92 -8.83 -6.24 -18.23
N ARG C 93 -9.65 -5.36 -18.81
CA ARG C 93 -11.05 -5.66 -19.02
C ARG C 93 -11.19 -6.89 -19.93
N PRO C 94 -12.35 -7.54 -19.95
CA PRO C 94 -12.52 -8.73 -20.78
C PRO C 94 -12.43 -8.38 -22.27
N TYR C 95 -11.63 -9.15 -23.00
CA TYR C 95 -11.51 -9.02 -24.45
C TYR C 95 -11.96 -10.33 -25.10
N CYS C 96 -12.61 -10.20 -26.26
CA CYS C 96 -13.19 -11.31 -26.98
C CYS C 96 -12.79 -11.19 -28.45
N THR C 97 -12.74 -12.32 -29.14
CA THR C 97 -12.16 -12.38 -30.47
C THR C 97 -13.21 -12.13 -31.56
N VAL C 98 -12.87 -11.28 -32.51
CA VAL C 98 -13.73 -10.97 -33.66
C VAL C 98 -13.01 -11.41 -34.93
N MET C 99 -13.75 -12.05 -35.85
CA MET C 99 -13.26 -12.30 -37.19
C MET C 99 -13.72 -11.16 -38.09
N VAL C 100 -12.76 -10.46 -38.71
CA VAL C 100 -13.05 -9.32 -39.56
C VAL C 100 -12.71 -9.72 -41.00
N VAL C 101 -13.72 -9.67 -41.87
CA VAL C 101 -13.60 -10.08 -43.26
C VAL C 101 -13.53 -8.81 -44.11
N LYS C 102 -12.42 -8.65 -44.83
CA LYS C 102 -12.29 -7.61 -45.84
C LYS C 102 -12.41 -8.27 -47.21
N THR C 103 -12.13 -7.51 -48.27
CA THR C 103 -12.27 -8.05 -49.61
C THR C 103 -11.24 -9.13 -49.89
N ASP C 104 -9.95 -8.83 -49.67
CA ASP C 104 -8.89 -9.76 -49.99
C ASP C 104 -8.16 -10.31 -48.77
N ARG C 105 -8.72 -10.15 -47.56
CA ARG C 105 -8.01 -10.60 -46.38
C ARG C 105 -8.98 -10.86 -45.23
N ILE C 106 -8.68 -11.90 -44.46
CA ILE C 106 -9.36 -12.19 -43.20
C ILE C 106 -8.33 -12.10 -42.07
N PHE C 107 -8.70 -11.44 -40.97
CA PHE C 107 -7.85 -11.38 -39.80
C PHE C 107 -8.70 -11.37 -38.54
N TRP C 108 -8.09 -11.78 -37.42
CA TRP C 108 -8.76 -11.80 -36.13
C TRP C 108 -8.29 -10.65 -35.26
N PHE C 109 -9.24 -10.02 -34.58
CA PHE C 109 -8.97 -8.92 -33.67
C PHE C 109 -9.63 -9.22 -32.33
N ASN C 110 -9.14 -8.56 -31.29
CA ASN C 110 -9.74 -8.64 -29.97
C ASN C 110 -10.40 -7.31 -29.65
N ARG C 111 -11.67 -7.37 -29.24
CA ARG C 111 -12.42 -6.20 -28.81
C ARG C 111 -13.04 -6.50 -27.44
N GLY C 112 -13.48 -5.43 -26.77
CA GLY C 112 -14.16 -5.59 -25.49
C GLY C 112 -15.37 -6.49 -25.62
N CYS C 113 -15.51 -7.44 -24.69
CA CYS C 113 -16.63 -8.37 -24.76
C CYS C 113 -17.98 -7.69 -24.57
N GLU C 114 -18.00 -6.41 -24.20
CA GLU C 114 -19.23 -5.65 -24.06
C GLU C 114 -19.65 -4.96 -25.35
N LYS C 115 -18.84 -5.02 -26.40
CA LYS C 115 -19.10 -4.27 -27.62
C LYS C 115 -20.15 -4.96 -28.48
N SER C 116 -20.64 -4.22 -29.47
CA SER C 116 -21.75 -4.65 -30.32
C SER C 116 -21.18 -5.20 -31.63
N VAL C 117 -21.38 -6.50 -31.86
CA VAL C 117 -20.87 -7.16 -33.07
C VAL C 117 -21.88 -8.22 -33.52
N SER C 118 -21.98 -8.39 -34.84
CA SER C 118 -22.62 -9.57 -35.39
C SER C 118 -21.81 -10.82 -35.04
N PHE C 119 -22.35 -11.99 -35.35
CA PHE C 119 -21.72 -13.22 -34.87
C PHE C 119 -22.11 -14.39 -35.76
N VAL C 120 -21.46 -15.52 -35.51
CA VAL C 120 -21.72 -16.75 -36.26
C VAL C 120 -21.80 -17.90 -35.27
N CYS C 121 -22.87 -18.68 -35.36
CA CYS C 121 -23.09 -19.83 -34.49
C CYS C 121 -22.66 -21.11 -35.20
N LYS C 122 -22.42 -22.15 -34.40
CA LYS C 122 -21.87 -23.39 -34.92
C LYS C 122 -22.27 -24.54 -34.00
N PHE C 123 -22.67 -25.66 -34.61
CA PHE C 123 -22.86 -26.90 -33.86
C PHE C 123 -22.44 -28.07 -34.72
N LYS C 124 -22.15 -29.19 -34.08
CA LYS C 124 -21.77 -30.41 -34.79
C LYS C 124 -23.00 -31.21 -35.20
N CYS D 2 -9.37 24.37 -53.96
CA CYS D 2 -8.79 23.14 -53.46
C CYS D 2 -8.09 22.37 -54.56
N PRO D 3 -6.94 21.71 -54.28
CA PRO D 3 -6.19 21.00 -55.32
C PRO D 3 -6.86 19.69 -55.74
N SER D 4 -6.34 19.06 -56.80
CA SER D 4 -6.91 17.77 -57.29
C SER D 4 -6.90 16.75 -56.15
N GLY D 5 -7.97 15.96 -56.03
CA GLY D 5 -8.08 14.96 -54.95
C GLY D 5 -8.76 15.54 -53.72
N TRP D 6 -9.13 16.83 -53.76
CA TRP D 6 -9.72 17.48 -52.56
C TRP D 6 -11.10 18.06 -52.90
N SER D 7 -12.11 17.79 -52.04
CA SER D 7 -13.47 18.35 -52.25
C SER D 7 -13.63 19.56 -51.33
N SER D 8 -14.22 20.64 -51.85
CA SER D 8 -14.32 21.89 -51.05
C SER D 8 -15.62 21.93 -50.24
N TYR D 9 -15.63 22.68 -49.14
CA TYR D 9 -16.85 22.82 -48.30
C TYR D 9 -16.62 23.97 -47.31
N ASP D 10 -17.47 25.00 -47.37
CA ASP D 10 -17.30 26.14 -46.46
C ASP D 10 -15.82 26.48 -46.27
N GLY D 11 -15.18 26.84 -47.38
CA GLY D 11 -13.82 27.33 -47.35
C GLY D 11 -12.75 26.35 -46.91
N HIS D 12 -13.13 25.08 -46.72
CA HIS D 12 -12.19 24.04 -46.35
C HIS D 12 -12.17 22.96 -47.43
N CYS D 13 -11.10 22.16 -47.43
CA CYS D 13 -10.89 21.09 -48.39
C CYS D 13 -10.71 19.78 -47.67
N TYR D 14 -11.32 18.71 -48.19
CA TYR D 14 -11.31 17.41 -47.54
C TYR D 14 -10.85 16.34 -48.52
N GLN D 15 -10.27 15.27 -47.97
CA GLN D 15 -9.93 14.10 -48.76
C GLN D 15 -9.96 12.86 -47.86
N VAL D 16 -10.69 11.85 -48.28
CA VAL D 16 -10.81 10.60 -47.55
C VAL D 16 -9.76 9.61 -48.07
N PHE D 17 -9.05 8.97 -47.14
CA PHE D 17 -8.03 7.98 -47.47
C PHE D 17 -8.46 6.62 -46.93
N SER D 18 -8.51 5.62 -47.79
CA SER D 18 -8.92 4.28 -47.39
C SER D 18 -7.82 3.52 -46.68
N ASP D 19 -6.57 3.97 -46.78
CA ASP D 19 -5.45 3.29 -46.14
C ASP D 19 -5.66 3.23 -44.62
N LEU D 20 -5.49 2.02 -44.06
CA LEU D 20 -5.68 1.82 -42.64
C LEU D 20 -4.43 2.25 -41.88
N LYS D 21 -4.59 3.19 -40.96
CA LYS D 21 -3.49 3.65 -40.12
C LYS D 21 -4.02 3.87 -38.71
N ASN D 22 -3.11 3.83 -37.74
CA ASN D 22 -3.49 4.27 -36.41
C ASN D 22 -3.62 5.80 -36.39
N TRP D 23 -4.10 6.32 -35.27
CA TRP D 23 -4.46 7.73 -35.21
C TRP D 23 -3.24 8.63 -35.39
N ASP D 24 -2.14 8.31 -34.72
CA ASP D 24 -0.93 9.15 -34.84
C ASP D 24 -0.41 9.16 -36.27
N ASP D 25 -0.35 7.99 -36.91
CA ASP D 25 0.16 7.91 -38.28
C ASP D 25 -0.81 8.55 -39.28
N ALA D 26 -2.12 8.45 -39.03
CA ALA D 26 -3.08 9.11 -39.92
C ALA D 26 -3.00 10.62 -39.79
N GLU D 27 -2.84 11.13 -38.56
CA GLU D 27 -2.75 12.57 -38.35
C GLU D 27 -1.50 13.14 -39.01
N SER D 28 -0.36 12.47 -38.83
CA SER D 28 0.87 12.96 -39.44
C SER D 28 0.85 12.78 -40.95
N PHE D 29 0.15 11.76 -41.45
CA PHE D 29 0.02 11.61 -42.89
C PHE D 29 -0.76 12.77 -43.49
N CYS D 30 -1.84 13.19 -42.84
CA CYS D 30 -2.55 14.39 -43.27
C CYS D 30 -1.62 15.60 -43.21
N SER D 31 -0.78 15.69 -42.17
CA SER D 31 0.12 16.82 -42.02
C SER D 31 1.06 16.96 -43.21
N GLY D 32 1.55 15.83 -43.74
CA GLY D 32 2.43 15.86 -44.89
C GLY D 32 1.76 16.00 -46.23
N GLN D 33 0.44 15.89 -46.27
CA GLN D 33 -0.27 16.00 -47.54
C GLN D 33 -0.41 17.45 -48.01
N HIS D 34 -0.61 18.38 -47.06
CA HIS D 34 -0.79 19.78 -47.41
C HIS D 34 -0.53 20.65 -46.20
N GLU D 35 -0.31 21.94 -46.46
CA GLU D 35 -0.10 22.91 -45.40
C GLU D 35 -1.37 23.12 -44.60
N GLY D 36 -1.27 22.98 -43.27
CA GLY D 36 -2.42 23.12 -42.41
C GLY D 36 -3.37 21.95 -42.41
N SER D 37 -2.99 20.82 -42.98
CA SER D 37 -3.87 19.67 -43.09
C SER D 37 -3.71 18.76 -41.87
N ARG D 38 -4.84 18.35 -41.30
CA ARG D 38 -4.87 17.45 -40.16
C ARG D 38 -6.11 16.57 -40.30
N LEU D 39 -6.26 15.62 -39.40
CA LEU D 39 -7.50 14.86 -39.33
C LEU D 39 -8.67 15.80 -39.10
N ALA D 40 -9.80 15.51 -39.75
CA ALA D 40 -10.83 16.50 -39.97
C ALA D 40 -11.54 16.90 -38.68
N SER D 41 -11.83 18.19 -38.55
CA SER D 41 -12.76 18.67 -37.54
C SER D 41 -14.19 18.58 -38.06
N ILE D 42 -15.12 18.30 -37.17
CA ILE D 42 -16.54 18.24 -37.49
C ILE D 42 -17.27 19.19 -36.53
N HIS D 43 -17.73 20.32 -37.04
CA HIS D 43 -18.35 21.35 -36.21
C HIS D 43 -19.86 21.46 -36.38
N SER D 44 -20.45 20.74 -37.35
CA SER D 44 -21.86 20.88 -37.63
C SER D 44 -22.41 19.57 -38.19
N ARG D 45 -23.72 19.41 -38.05
CA ARG D 45 -24.38 18.27 -38.68
C ARG D 45 -24.24 18.33 -40.19
N GLU D 46 -24.27 19.54 -40.76
CA GLU D 46 -24.12 19.70 -42.20
C GLU D 46 -22.71 19.33 -42.66
N GLU D 47 -21.69 19.73 -41.90
CA GLU D 47 -20.33 19.34 -42.24
C GLU D 47 -20.13 17.83 -42.07
N GLU D 48 -20.78 17.24 -41.07
CA GLU D 48 -20.72 15.79 -40.90
C GLU D 48 -21.33 15.08 -42.10
N ALA D 49 -22.45 15.58 -42.61
CA ALA D 49 -23.10 14.93 -43.74
C ALA D 49 -22.26 15.01 -45.00
N PHE D 50 -21.54 16.13 -45.18
CA PHE D 50 -20.65 16.26 -46.34
C PHE D 50 -19.55 15.22 -46.30
N VAL D 51 -18.93 15.02 -45.14
CA VAL D 51 -17.87 14.04 -45.01
C VAL D 51 -18.42 12.63 -45.17
N GLY D 52 -19.58 12.36 -44.59
CA GLY D 52 -20.20 11.04 -44.74
C GLY D 52 -20.50 10.69 -46.19
N LYS D 53 -20.80 11.69 -47.01
CA LYS D 53 -20.99 11.44 -48.44
C LYS D 53 -19.66 11.07 -49.10
N MET D 54 -18.58 11.76 -48.75
CA MET D 54 -17.27 11.39 -49.25
C MET D 54 -16.88 9.98 -48.82
N ALA D 55 -17.31 9.56 -47.63
CA ALA D 55 -16.96 8.23 -47.14
C ALA D 55 -17.58 7.15 -48.02
N SER D 56 -18.90 7.18 -48.20
CA SER D 56 -19.57 6.10 -48.92
C SER D 56 -19.20 6.06 -50.39
N ARG D 57 -18.68 7.15 -50.94
CA ARG D 57 -18.26 7.14 -52.34
C ARG D 57 -16.85 6.57 -52.51
N THR D 58 -16.01 6.70 -51.47
CA THR D 58 -14.61 6.29 -51.53
C THR D 58 -14.33 4.98 -50.81
N LEU D 59 -14.98 4.74 -49.68
CA LEU D 59 -14.67 3.61 -48.82
C LEU D 59 -15.66 2.48 -48.98
N LYS D 60 -15.16 1.25 -48.99
CA LYS D 60 -16.01 0.08 -48.92
C LYS D 60 -16.53 -0.14 -47.49
N TYR D 61 -15.68 0.08 -46.50
CA TYR D 61 -16.04 -0.03 -45.09
C TYR D 61 -15.97 1.37 -44.50
N THR D 62 -17.13 1.95 -44.19
CA THR D 62 -17.29 3.39 -43.97
C THR D 62 -17.07 3.71 -42.49
N SER D 63 -15.79 3.84 -42.13
CA SER D 63 -15.41 4.29 -40.80
C SER D 63 -14.05 4.97 -40.93
N MET D 64 -13.93 6.17 -40.35
CA MET D 64 -12.71 6.96 -40.47
C MET D 64 -12.38 7.70 -39.18
N TRP D 65 -11.09 7.87 -38.94
CA TRP D 65 -10.61 8.67 -37.82
C TRP D 65 -11.10 10.11 -37.95
N LEU D 66 -11.50 10.69 -36.83
CA LEU D 66 -11.68 12.12 -36.70
C LEU D 66 -10.53 12.70 -35.88
N GLY D 67 -10.43 14.03 -35.88
CA GLY D 67 -9.33 14.69 -35.21
C GLY D 67 -9.50 14.89 -33.72
N LEU D 68 -9.91 13.85 -32.99
CA LEU D 68 -10.10 13.93 -31.54
C LEU D 68 -9.32 12.79 -30.89
N ASN D 69 -8.27 13.15 -30.15
CA ASN D 69 -7.50 12.21 -29.35
C ASN D 69 -7.82 12.43 -27.88
N ASN D 70 -8.15 11.36 -27.18
CA ASN D 70 -8.47 11.36 -25.75
C ASN D 70 -9.66 12.28 -25.47
N PRO D 71 -10.88 11.77 -25.58
CA PRO D 71 -12.06 12.60 -25.25
C PRO D 71 -12.11 13.00 -23.80
N TRP D 72 -11.39 12.31 -22.93
CA TRP D 72 -11.40 12.57 -21.49
C TRP D 72 -10.14 13.28 -21.03
N LYS D 73 -9.74 14.30 -21.79
CA LYS D 73 -8.61 15.15 -21.44
C LYS D 73 -9.10 16.31 -20.59
N GLU D 74 -8.42 16.53 -19.46
CA GLU D 74 -8.74 17.64 -18.56
C GLU D 74 -10.18 17.54 -18.04
N CYS D 75 -10.55 16.35 -17.59
CA CYS D 75 -11.82 16.19 -16.88
C CYS D 75 -11.72 16.78 -15.47
N LYS D 76 -12.85 17.22 -14.94
CA LYS D 76 -12.96 17.69 -13.56
C LYS D 76 -13.78 16.65 -12.79
N TRP D 77 -13.08 15.75 -12.10
CA TRP D 77 -13.75 14.71 -11.33
C TRP D 77 -14.11 15.26 -9.95
N GLU D 78 -15.39 15.11 -9.58
CA GLU D 78 -15.88 15.58 -8.29
C GLU D 78 -16.74 14.51 -7.64
N TRP D 79 -16.62 14.38 -6.32
CA TRP D 79 -17.49 13.49 -5.55
C TRP D 79 -18.84 14.15 -5.32
N SER D 80 -19.89 13.33 -5.31
CA SER D 80 -21.23 13.86 -5.11
C SER D 80 -21.40 14.43 -3.70
N ASP D 81 -20.65 13.93 -2.72
CA ASP D 81 -20.70 14.46 -1.37
C ASP D 81 -19.74 15.63 -1.16
N ASP D 82 -19.20 16.20 -2.25
CA ASP D 82 -18.30 17.34 -2.24
C ASP D 82 -17.01 17.08 -1.48
N THR D 83 -16.61 15.82 -1.36
CA THR D 83 -15.28 15.50 -0.87
C THR D 83 -14.23 16.05 -1.83
N ARG D 84 -13.13 16.55 -1.29
CA ARG D 84 -12.01 16.93 -2.14
C ARG D 84 -11.44 15.69 -2.81
N LEU D 85 -11.09 15.82 -4.09
CA LEU D 85 -10.52 14.70 -4.82
C LEU D 85 -9.02 14.66 -4.57
N ASP D 86 -8.59 13.69 -3.75
CA ASP D 86 -7.16 13.46 -3.52
C ASP D 86 -6.78 12.06 -3.98
N TYR D 87 -7.26 11.02 -3.30
CA TYR D 87 -7.05 9.65 -3.77
C TYR D 87 -7.68 9.46 -5.14
N LYS D 88 -6.88 9.04 -6.12
CA LYS D 88 -7.35 8.91 -7.50
C LYS D 88 -6.77 7.66 -8.13
N VAL D 89 -7.64 6.75 -8.57
CA VAL D 89 -7.20 5.52 -9.22
C VAL D 89 -7.94 5.32 -10.53
N TRP D 90 -7.98 6.36 -11.36
CA TRP D 90 -8.53 6.27 -12.70
C TRP D 90 -7.40 6.45 -13.71
N THR D 91 -7.08 5.37 -14.42
CA THR D 91 -6.10 5.38 -15.49
C THR D 91 -6.72 4.70 -16.70
N ARG D 92 -6.56 5.31 -17.88
CA ARG D 92 -7.19 4.78 -19.09
C ARG D 92 -6.26 4.94 -20.29
N ARG D 93 -6.20 3.91 -21.12
CA ARG D 93 -5.39 3.92 -22.33
C ARG D 93 -5.93 4.94 -23.33
N PRO D 94 -5.12 5.34 -24.31
CA PRO D 94 -5.57 6.37 -25.27
C PRO D 94 -6.73 5.89 -26.13
N TYR D 95 -7.78 6.70 -26.19
CA TYR D 95 -8.91 6.48 -27.07
C TYR D 95 -9.03 7.66 -28.03
N CYS D 96 -9.45 7.36 -29.26
CA CYS D 96 -9.54 8.34 -30.33
C CYS D 96 -10.86 8.11 -31.06
N THR D 97 -11.40 9.18 -31.64
CA THR D 97 -12.78 9.17 -32.13
C THR D 97 -12.88 8.68 -33.57
N VAL D 98 -13.84 7.80 -33.82
CA VAL D 98 -14.11 7.23 -35.13
C VAL D 98 -15.50 7.68 -35.58
N MET D 99 -15.59 8.10 -36.83
CA MET D 99 -16.87 8.43 -37.45
C MET D 99 -17.32 7.24 -38.28
N VAL D 100 -18.50 6.71 -37.98
CA VAL D 100 -19.04 5.53 -38.64
C VAL D 100 -20.25 5.92 -39.47
N VAL D 101 -20.18 5.66 -40.78
CA VAL D 101 -21.28 5.92 -41.70
C VAL D 101 -22.02 4.63 -41.95
N LYS D 102 -23.34 4.67 -41.80
CA LYS D 102 -24.21 3.55 -42.14
C LYS D 102 -25.20 4.00 -43.21
N THR D 103 -26.03 3.05 -43.65
CA THR D 103 -27.03 3.33 -44.68
C THR D 103 -27.96 4.46 -44.25
N ASP D 104 -28.28 4.54 -42.96
CA ASP D 104 -29.31 5.46 -42.48
C ASP D 104 -28.76 6.60 -41.63
N ARG D 105 -27.63 6.42 -40.96
CA ARG D 105 -27.23 7.36 -39.92
C ARG D 105 -25.71 7.43 -39.83
N ILE D 106 -25.25 8.41 -39.07
CA ILE D 106 -23.84 8.57 -38.72
C ILE D 106 -23.75 8.67 -37.20
N PHE D 107 -22.80 7.95 -36.61
CA PHE D 107 -22.54 8.05 -35.19
C PHE D 107 -21.03 8.01 -34.96
N TRP D 108 -20.61 8.57 -33.84
CA TRP D 108 -19.22 8.53 -33.41
C TRP D 108 -19.04 7.53 -32.28
N PHE D 109 -17.90 6.86 -32.28
CA PHE D 109 -17.55 5.96 -31.19
C PHE D 109 -16.04 5.96 -31.05
N ASN D 110 -15.58 5.74 -29.82
CA ASN D 110 -14.16 5.82 -29.50
C ASN D 110 -13.57 4.40 -29.49
N ARG D 111 -12.32 4.30 -29.94
CA ARG D 111 -11.59 3.06 -29.86
C ARG D 111 -10.11 3.37 -29.67
N GLY D 112 -9.33 2.32 -29.42
CA GLY D 112 -7.91 2.50 -29.15
C GLY D 112 -7.18 3.18 -30.28
N CYS D 113 -6.44 4.24 -29.95
CA CYS D 113 -5.72 4.99 -30.97
C CYS D 113 -4.68 4.14 -31.68
N GLU D 114 -4.33 2.98 -31.14
CA GLU D 114 -3.41 2.06 -31.78
C GLU D 114 -4.08 1.23 -32.87
N LYS D 115 -5.41 1.26 -32.97
CA LYS D 115 -6.09 0.49 -34.00
C LYS D 115 -5.97 1.18 -35.36
N SER D 116 -6.13 0.38 -36.41
CA SER D 116 -5.91 0.86 -37.78
C SER D 116 -7.25 1.10 -38.47
N VAL D 117 -7.52 2.36 -38.80
CA VAL D 117 -8.77 2.79 -39.40
C VAL D 117 -8.44 3.72 -40.57
N SER D 118 -9.35 3.77 -41.56
CA SER D 118 -9.27 4.79 -42.60
C SER D 118 -9.44 6.16 -41.96
N PHE D 119 -9.30 7.23 -42.74
CA PHE D 119 -9.29 8.56 -42.13
C PHE D 119 -9.62 9.61 -43.17
N VAL D 120 -9.91 10.81 -42.68
CA VAL D 120 -10.22 11.97 -43.52
C VAL D 120 -9.36 13.15 -43.08
N CYS D 121 -8.77 13.83 -44.06
CA CYS D 121 -7.93 14.99 -43.83
C CYS D 121 -8.70 16.26 -44.17
N LYS D 122 -8.33 17.37 -43.54
CA LYS D 122 -9.00 18.64 -43.76
C LYS D 122 -8.04 19.79 -43.48
N PHE D 123 -8.07 20.79 -44.36
CA PHE D 123 -7.30 22.01 -44.16
C PHE D 123 -8.12 23.21 -44.63
N LYS D 124 -7.75 24.38 -44.14
CA LYS D 124 -8.42 25.62 -44.50
C LYS D 124 -7.88 26.15 -45.82
N ALA D 125 -8.78 26.48 -46.74
CA ALA D 125 -8.39 27.00 -48.05
C ALA D 125 -8.22 28.52 -47.99
N ALA E 1 -23.24 -13.78 2.36
CA ALA E 1 -22.85 -13.84 3.77
C ALA E 1 -23.96 -14.42 4.64
N ASP E 2 -23.60 -15.37 5.51
CA ASP E 2 -24.54 -16.05 6.39
C ASP E 2 -24.01 -16.09 7.82
N CYS E 3 -23.30 -15.06 8.25
CA CYS E 3 -22.77 -15.02 9.59
C CYS E 3 -23.90 -14.77 10.60
N PRO E 4 -23.91 -15.49 11.72
CA PRO E 4 -25.03 -15.37 12.66
C PRO E 4 -25.04 -14.02 13.35
N PRO E 5 -26.16 -13.66 13.99
CA PRO E 5 -26.22 -12.37 14.70
C PRO E 5 -25.14 -12.25 15.76
N GLY E 6 -24.55 -11.07 15.85
CA GLY E 6 -23.41 -10.81 16.70
C GLY E 6 -22.08 -10.92 16.00
N TRP E 7 -22.01 -11.68 14.92
CA TRP E 7 -20.79 -11.84 14.14
C TRP E 7 -20.84 -10.98 12.88
N SER E 8 -19.73 -10.36 12.56
CA SER E 8 -19.61 -9.54 11.37
C SER E 8 -18.95 -10.34 10.25
N SER E 9 -19.37 -10.07 9.01
CA SER E 9 -18.88 -10.78 7.85
C SER E 9 -17.84 -9.95 7.11
N TYR E 10 -16.79 -10.62 6.62
CA TYR E 10 -15.81 -10.00 5.74
C TYR E 10 -15.12 -11.09 4.94
N ASP E 11 -15.20 -11.02 3.62
CA ASP E 11 -14.51 -11.93 2.72
C ASP E 11 -14.73 -13.39 3.12
N LEU E 12 -16.02 -13.76 3.17
CA LEU E 12 -16.48 -15.13 3.35
C LEU E 12 -16.13 -15.71 4.73
N TYR E 13 -15.79 -14.86 5.70
CA TYR E 13 -15.56 -15.32 7.07
C TYR E 13 -16.39 -14.50 8.04
N CYS E 14 -16.51 -15.03 9.26
CA CYS E 14 -17.28 -14.40 10.33
C CYS E 14 -16.35 -13.98 11.46
N TYR E 15 -16.60 -12.79 12.01
CA TYR E 15 -15.73 -12.18 13.01
C TYR E 15 -16.58 -11.65 14.16
N GLN E 16 -16.01 -11.67 15.36
CA GLN E 16 -16.66 -11.04 16.51
C GLN E 16 -15.60 -10.73 17.56
N GLY E 17 -15.65 -9.50 18.09
CA GLY E 17 -14.76 -9.11 19.18
C GLY E 17 -15.36 -9.40 20.54
N PHE E 18 -14.48 -9.76 21.47
CA PHE E 18 -14.90 -10.12 22.82
C PHE E 18 -14.10 -9.32 23.83
N ASN E 19 -14.81 -8.72 24.79
CA ASN E 19 -14.14 -7.93 25.82
C ASN E 19 -13.27 -8.78 26.71
N GLY E 20 -13.68 -10.01 27.00
CA GLY E 20 -12.93 -10.88 27.89
C GLY E 20 -12.87 -10.27 29.28
N PRO E 21 -11.64 -10.03 29.77
CA PRO E 21 -10.38 -10.36 29.10
C PRO E 21 -9.94 -11.79 29.40
N GLN E 22 -9.10 -12.37 28.54
CA GLN E 22 -8.62 -13.73 28.76
C GLN E 22 -7.17 -13.81 28.31
N THR E 23 -6.46 -14.80 28.84
CA THR E 23 -5.12 -15.11 28.34
C THR E 23 -5.21 -15.59 26.88
N TRP E 24 -4.07 -15.60 26.21
CA TRP E 24 -4.06 -16.06 24.81
C TRP E 24 -4.60 -17.47 24.70
N ASP E 25 -4.12 -18.39 25.54
CA ASP E 25 -4.61 -19.77 25.48
C ASP E 25 -6.10 -19.86 25.77
N ASP E 26 -6.56 -19.15 26.81
CA ASP E 26 -7.98 -19.17 27.14
C ASP E 26 -8.82 -18.50 26.05
N ALA E 27 -8.29 -17.46 25.42
CA ALA E 27 -9.02 -16.81 24.34
C ALA E 27 -9.11 -17.72 23.12
N GLU E 28 -8.01 -18.40 22.78
CA GLU E 28 -8.03 -19.34 21.67
C GLU E 28 -9.01 -20.47 21.91
N ARG E 29 -9.02 -21.03 23.13
CA ARG E 29 -9.97 -22.10 23.41
C ARG E 29 -11.41 -21.60 23.38
N PHE E 30 -11.64 -20.38 23.89
CA PHE E 30 -12.97 -19.78 23.77
C PHE E 30 -13.41 -19.69 22.32
N CYS E 31 -12.50 -19.31 21.42
CA CYS E 31 -12.90 -19.17 20.01
C CYS E 31 -13.24 -20.52 19.40
N THR E 32 -12.54 -21.59 19.80
CA THR E 32 -12.85 -22.90 19.23
C THR E 32 -14.21 -23.41 19.70
N GLU E 33 -14.61 -23.07 20.93
CA GLU E 33 -15.91 -23.49 21.45
C GLU E 33 -17.04 -22.60 20.96
N GLN E 34 -16.71 -21.39 20.51
CA GLN E 34 -17.75 -20.42 20.09
C GLN E 34 -18.40 -20.89 18.78
N ALA E 35 -17.62 -21.49 17.87
CA ALA E 35 -18.18 -21.88 16.55
C ALA E 35 -17.27 -22.90 15.88
N LYS E 36 -17.76 -23.53 14.80
CA LYS E 36 -16.97 -24.55 14.08
C LYS E 36 -15.72 -23.90 13.48
N GLY E 37 -14.58 -24.62 13.47
CA GLY E 37 -13.32 -24.08 12.97
C GLY E 37 -13.06 -22.69 13.50
N GLY E 38 -13.69 -22.38 14.63
CA GLY E 38 -13.45 -21.12 15.27
C GLY E 38 -12.03 -21.07 15.83
N HIS E 39 -11.40 -19.91 15.66
CA HIS E 39 -10.08 -19.65 16.21
C HIS E 39 -9.96 -18.16 16.47
N LEU E 40 -8.91 -17.80 17.22
CA LEU E 40 -8.50 -16.40 17.25
C LEU E 40 -8.24 -15.92 15.83
N VAL E 41 -8.51 -14.63 15.58
CA VAL E 41 -8.49 -14.12 14.22
C VAL E 41 -7.09 -14.20 13.62
N SER E 42 -7.05 -14.51 12.32
CA SER E 42 -5.83 -14.41 11.52
C SER E 42 -6.01 -13.30 10.48
N ILE E 43 -4.88 -12.81 9.99
CA ILE E 43 -4.82 -11.64 9.10
C ILE E 43 -3.98 -12.01 7.89
N SER E 44 -4.56 -11.92 6.70
CA SER E 44 -3.86 -12.27 5.46
C SER E 44 -3.55 -11.09 4.55
N ASP E 45 -4.10 -9.90 4.82
CA ASP E 45 -3.79 -8.74 3.99
C ASP E 45 -4.22 -7.48 4.74
N SER E 46 -3.88 -6.32 4.17
CA SER E 46 -4.18 -5.05 4.80
C SER E 46 -5.68 -4.78 4.84
N GLY E 47 -6.42 -5.25 3.85
CA GLY E 47 -7.87 -5.12 3.90
C GLY E 47 -8.47 -5.81 5.12
N GLU E 48 -8.07 -7.06 5.35
CA GLU E 48 -8.55 -7.77 6.53
C GLU E 48 -8.08 -7.09 7.81
N ALA E 49 -6.84 -6.59 7.82
CA ALA E 49 -6.33 -5.88 8.98
C ALA E 49 -7.16 -4.64 9.29
N ASP E 50 -7.52 -3.88 8.25
CA ASP E 50 -8.34 -2.69 8.46
C ASP E 50 -9.72 -3.05 8.96
N PHE E 51 -10.30 -4.14 8.43
CA PHE E 51 -11.63 -4.54 8.87
C PHE E 51 -11.61 -4.95 10.34
N VAL E 52 -10.64 -5.77 10.73
CA VAL E 52 -10.55 -6.22 12.12
C VAL E 52 -10.23 -5.05 13.03
N GLY E 53 -9.36 -4.14 12.58
CA GLY E 53 -9.12 -2.93 13.34
C GLY E 53 -10.38 -2.13 13.57
N GLN E 54 -11.20 -1.97 12.51
CA GLN E 54 -12.46 -1.28 12.64
CA GLN E 54 -12.46 -1.28 12.64
C GLN E 54 -13.39 -2.01 13.61
N LEU E 55 -13.41 -3.34 13.54
CA LEU E 55 -14.26 -4.13 14.42
C LEU E 55 -13.87 -3.94 15.89
N ILE E 56 -12.56 -3.89 16.17
CA ILE E 56 -12.12 -3.70 17.56
C ILE E 56 -12.53 -2.31 18.06
N THR E 57 -12.31 -1.29 17.24
CA THR E 57 -12.73 0.07 17.60
C THR E 57 -14.22 0.13 17.90
N GLN E 58 -15.03 -0.68 17.21
CA GLN E 58 -16.49 -0.58 17.32
C GLN E 58 -17.09 -1.43 18.43
N ASN E 59 -16.48 -2.57 18.76
CA ASN E 59 -17.16 -3.55 19.60
C ASN E 59 -16.46 -3.89 20.91
N ILE E 60 -15.24 -3.42 21.15
CA ILE E 60 -14.49 -3.76 22.35
C ILE E 60 -14.36 -2.53 23.22
N SER E 61 -14.72 -2.67 24.50
CA SER E 61 -14.65 -1.62 25.52
C SER E 61 -13.77 -2.14 26.65
N ARG E 62 -12.47 -1.87 26.59
CA ARG E 62 -11.53 -2.37 27.57
C ARG E 62 -10.42 -1.37 27.79
N PRO E 63 -9.85 -1.30 28.99
CA PRO E 63 -8.71 -0.40 29.23
C PRO E 63 -7.38 -0.94 28.71
N GLU E 64 -7.30 -2.23 28.39
CA GLU E 64 -6.04 -2.80 27.92
C GLU E 64 -5.64 -2.20 26.58
N TYR E 65 -4.33 -2.16 26.34
CA TYR E 65 -3.77 -1.64 25.11
C TYR E 65 -3.67 -2.70 24.03
N TYR E 66 -4.13 -3.92 24.30
CA TYR E 66 -3.90 -5.07 23.43
C TYR E 66 -5.21 -5.82 23.20
N VAL E 67 -5.35 -6.35 21.98
CA VAL E 67 -6.41 -7.30 21.63
C VAL E 67 -5.74 -8.48 20.94
N TRP E 68 -6.00 -9.70 21.43
CA TRP E 68 -5.24 -10.87 20.99
C TRP E 68 -5.45 -11.16 19.50
N THR E 69 -4.35 -11.39 18.79
CA THR E 69 -4.39 -12.05 17.49
C THR E 69 -4.21 -13.56 17.67
N GLY E 70 -4.41 -14.30 16.58
CA GLY E 70 -4.12 -15.71 16.59
C GLY E 70 -2.68 -16.08 16.35
N LEU E 71 -1.78 -15.10 16.33
CA LEU E 71 -0.38 -15.31 15.97
C LEU E 71 0.48 -15.36 17.23
N ARG E 72 1.31 -16.40 17.33
CA ARG E 72 2.22 -16.54 18.45
C ARG E 72 3.35 -17.49 18.03
N ASP E 73 4.40 -17.50 18.84
CA ASP E 73 5.40 -18.55 18.76
C ASP E 73 4.99 -19.67 19.72
N ARG E 74 4.92 -20.89 19.21
CA ARG E 74 4.34 -22.00 19.95
C ARG E 74 5.31 -22.69 20.90
N ARG E 75 6.59 -22.30 20.91
CA ARG E 75 7.58 -23.08 21.62
C ARG E 75 7.38 -22.98 23.14
N SER E 76 7.99 -23.92 23.86
CA SER E 76 7.87 -23.94 25.31
C SER E 76 8.81 -22.94 25.97
N GLU E 77 9.92 -22.61 25.32
CA GLU E 77 10.83 -21.61 25.86
C GLU E 77 10.15 -20.23 25.90
N GLN E 78 10.68 -19.37 26.77
CA GLN E 78 10.09 -18.06 27.02
C GLN E 78 10.61 -16.97 26.10
N GLN E 79 11.47 -17.32 25.14
CA GLN E 79 12.02 -16.37 24.18
C GLN E 79 12.43 -17.14 22.94
N CYS E 80 12.65 -16.39 21.86
CA CYS E 80 12.96 -17.00 20.56
C CYS E 80 14.46 -17.20 20.35
N ASN E 81 15.26 -16.19 20.71
CA ASN E 81 16.70 -16.22 20.47
C ASN E 81 17.29 -17.48 21.10
N PRO E 82 17.89 -18.37 20.31
CA PRO E 82 18.37 -19.64 20.88
C PRO E 82 19.68 -19.56 21.64
N GLU E 83 20.46 -18.49 21.48
CA GLU E 83 21.81 -18.46 22.03
C GLU E 83 22.14 -17.10 22.65
N TRP E 84 23.01 -17.16 23.67
CA TRP E 84 23.63 -15.96 24.20
C TRP E 84 24.64 -15.39 23.19
N ASN E 85 25.21 -14.23 23.52
CA ASN E 85 26.24 -13.64 22.66
C ASN E 85 27.43 -14.57 22.46
N ASP E 86 27.78 -15.36 23.48
CA ASP E 86 28.96 -16.21 23.42
C ASP E 86 28.72 -17.55 22.74
N GLY E 87 27.56 -17.73 22.09
CA GLY E 87 27.24 -18.96 21.41
C GLY E 87 26.61 -20.04 22.27
N SER E 88 26.65 -19.90 23.60
CA SER E 88 26.00 -20.87 24.46
C SER E 88 24.49 -20.76 24.36
N SER E 89 23.81 -21.88 24.57
CA SER E 89 22.35 -21.91 24.45
C SER E 89 21.70 -21.20 25.62
N ILE E 90 20.55 -20.59 25.35
CA ILE E 90 19.75 -19.94 26.38
C ILE E 90 18.85 -21.00 26.99
N ILE E 91 19.13 -21.38 28.24
CA ILE E 91 18.36 -22.43 28.90
C ILE E 91 17.80 -21.86 30.20
N TYR E 92 18.67 -21.58 31.16
CA TYR E 92 18.23 -20.85 32.34
C TYR E 92 17.84 -19.43 31.95
N THR E 93 16.63 -19.02 32.34
CA THR E 93 16.18 -17.64 32.21
C THR E 93 15.49 -17.25 33.52
N ASN E 94 15.45 -15.94 33.78
CA ASN E 94 14.87 -15.41 35.01
C ASN E 94 14.06 -14.16 34.69
N TRP E 95 13.10 -14.29 33.78
CA TRP E 95 12.33 -13.14 33.32
C TRP E 95 11.40 -12.64 34.41
N ASP E 96 11.43 -11.33 34.66
CA ASP E 96 10.41 -10.73 35.50
C ASP E 96 9.03 -10.99 34.88
N SER E 97 8.04 -11.14 35.74
CA SER E 97 6.67 -11.39 35.27
C SER E 97 6.27 -10.34 34.25
N GLY E 98 5.83 -10.81 33.09
CA GLY E 98 5.44 -9.93 32.00
C GLY E 98 6.53 -9.67 30.98
N GLU E 99 7.77 -10.11 31.24
CA GLU E 99 8.86 -9.83 30.31
C GLU E 99 8.98 -10.87 29.20
N SER E 100 8.46 -12.09 29.40
CA SER E 100 8.36 -13.05 28.31
C SER E 100 7.14 -12.70 27.46
N GLU E 101 7.36 -12.48 26.16
CA GLU E 101 6.34 -11.91 25.29
C GLU E 101 6.33 -12.68 23.96
N MET E 102 5.61 -13.81 23.95
CA MET E 102 5.63 -14.73 22.82
C MET E 102 4.31 -14.79 22.05
N CYS E 103 3.34 -13.94 22.38
CA CYS E 103 2.05 -13.92 21.70
C CYS E 103 1.79 -12.53 21.13
N GLN E 104 1.20 -12.49 19.94
CA GLN E 104 0.97 -11.25 19.21
C GLN E 104 -0.42 -10.70 19.48
N ALA E 105 -0.51 -9.38 19.62
CA ALA E 105 -1.77 -8.70 19.88
C ALA E 105 -1.87 -7.45 19.03
N PHE E 106 -3.10 -7.13 18.65
CA PHE E 106 -3.36 -5.83 18.01
C PHE E 106 -3.07 -4.72 19.02
N SER E 107 -2.32 -3.71 18.58
CA SER E 107 -1.87 -2.65 19.47
C SER E 107 -2.75 -1.42 19.28
N ARG E 108 -3.23 -0.88 20.39
CA ARG E 108 -4.09 0.30 20.34
C ARG E 108 -3.39 1.50 19.70
N TRP E 109 -2.08 1.65 19.93
CA TRP E 109 -1.38 2.83 19.42
C TRP E 109 -1.14 2.78 17.92
N THR E 110 -1.48 1.68 17.24
CA THR E 110 -1.55 1.64 15.79
C THR E 110 -2.99 1.52 15.29
N ASN E 111 -3.95 1.96 16.11
CA ASN E 111 -5.37 1.82 15.81
C ASN E 111 -5.73 0.35 15.56
N PHE E 112 -5.04 -0.56 16.23
CA PHE E 112 -5.26 -2.00 16.12
C PHE E 112 -5.02 -2.51 14.70
N ARG E 113 -4.19 -1.79 13.94
CA ARG E 113 -3.81 -2.22 12.60
C ARG E 113 -2.52 -3.03 12.57
N GLU E 114 -1.64 -2.85 13.55
CA GLU E 114 -0.37 -3.53 13.61
C GLU E 114 -0.27 -4.32 14.91
N TRP E 115 0.76 -5.15 15.01
CA TRP E 115 0.88 -6.12 16.08
C TRP E 115 2.03 -5.76 17.02
N MET E 116 1.95 -6.31 18.22
CA MET E 116 3.03 -6.22 19.19
C MET E 116 3.04 -7.51 19.99
N ASN E 117 4.20 -8.12 20.15
CA ASN E 117 4.27 -9.32 20.98
C ASN E 117 4.21 -8.90 22.45
N THR E 118 3.43 -9.64 23.23
CA THR E 118 3.23 -9.32 24.64
C THR E 118 3.04 -10.62 25.41
N ASN E 119 2.89 -10.51 26.73
CA ASN E 119 2.89 -11.69 27.60
C ASN E 119 1.65 -12.53 27.33
N CYS E 120 1.88 -13.81 26.96
CA CYS E 120 0.77 -14.72 26.69
C CYS E 120 -0.11 -14.93 27.91
N GLN E 121 0.43 -14.76 29.12
CA GLN E 121 -0.30 -15.02 30.35
C GLN E 121 -1.10 -13.83 30.85
N GLN E 122 -0.99 -12.68 30.21
CA GLN E 122 -1.84 -11.56 30.58
C GLN E 122 -3.19 -11.66 29.91
N LYS E 123 -4.21 -11.14 30.59
CA LYS E 123 -5.58 -11.21 30.09
C LYS E 123 -5.87 -9.98 29.24
N ASN E 124 -6.39 -10.21 28.04
CA ASN E 124 -6.70 -9.17 27.08
C ASN E 124 -8.03 -9.50 26.42
N PRO E 125 -8.73 -8.50 25.90
CA PRO E 125 -9.81 -8.78 24.95
C PRO E 125 -9.24 -9.48 23.73
N PHE E 126 -10.14 -9.98 22.86
CA PHE E 126 -9.70 -10.78 21.73
C PHE E 126 -10.78 -10.78 20.65
N VAL E 127 -10.40 -11.24 19.47
CA VAL E 127 -11.29 -11.37 18.32
C VAL E 127 -11.23 -12.80 17.80
N CYS E 128 -12.40 -13.42 17.62
CA CYS E 128 -12.54 -14.76 17.06
C CYS E 128 -12.93 -14.68 15.59
N LYS E 129 -12.58 -15.72 14.83
CA LYS E 129 -12.91 -15.84 13.43
C LYS E 129 -13.28 -17.28 13.12
N PHE E 130 -14.24 -17.49 12.21
CA PHE E 130 -14.59 -18.84 11.82
C PHE E 130 -15.25 -18.83 10.45
N PRO E 131 -15.13 -19.91 9.68
CA PRO E 131 -15.76 -19.96 8.36
C PRO E 131 -17.19 -20.47 8.46
N PRO E 132 -18.15 -19.72 7.94
CA PRO E 132 -19.55 -20.16 8.03
C PRO E 132 -19.84 -21.26 7.02
N ALA E 133 -20.89 -22.02 7.32
CA ALA E 133 -21.35 -23.09 6.43
C ALA E 133 -22.83 -22.91 6.10
N ALA F 1 16.21 14.56 -15.43
CA ALA F 1 16.70 15.03 -14.14
C ALA F 1 17.87 15.99 -14.32
N ASP F 2 17.90 17.05 -13.50
CA ASP F 2 19.00 18.01 -13.51
C ASP F 2 19.58 18.19 -12.11
N CYS F 3 19.57 17.12 -11.31
CA CYS F 3 20.13 17.18 -9.96
C CYS F 3 21.65 17.29 -10.03
N PRO F 4 22.28 18.17 -9.26
CA PRO F 4 23.74 18.35 -9.34
C PRO F 4 24.47 17.12 -8.84
N PRO F 5 25.78 17.01 -9.11
CA PRO F 5 26.53 15.83 -8.66
C PRO F 5 26.47 15.66 -7.14
N GLY F 6 26.41 14.41 -6.71
CA GLY F 6 26.23 14.08 -5.31
C GLY F 6 24.78 13.93 -4.89
N TRP F 7 23.85 14.50 -5.65
CA TRP F 7 22.43 14.40 -5.35
C TRP F 7 21.78 13.34 -6.24
N SER F 8 20.74 12.71 -5.70
CA SER F 8 20.00 11.66 -6.39
C SER F 8 18.60 12.15 -6.71
N SER F 9 18.09 11.76 -7.88
CA SER F 9 16.82 12.25 -8.40
C SER F 9 15.69 11.28 -8.07
N TYR F 10 14.52 11.85 -7.73
CA TYR F 10 13.31 11.05 -7.57
C TYR F 10 12.11 11.98 -7.64
N ASP F 11 11.31 11.84 -8.69
CA ASP F 11 10.01 12.50 -8.84
C ASP F 11 10.11 14.01 -8.59
N LEU F 12 10.86 14.65 -9.50
CA LEU F 12 10.96 16.10 -9.62
C LEU F 12 11.75 16.74 -8.49
N TYR F 13 12.35 15.95 -7.59
CA TYR F 13 13.13 16.49 -6.49
C TYR F 13 14.49 15.81 -6.45
N CYS F 14 15.40 16.41 -5.67
CA CYS F 14 16.76 15.93 -5.49
C CYS F 14 16.99 15.60 -4.02
N TYR F 15 17.71 14.52 -3.77
CA TYR F 15 17.94 14.01 -2.42
C TYR F 15 19.41 13.67 -2.24
N GLN F 16 19.88 13.78 -1.00
CA GLN F 16 21.23 13.34 -0.68
C GLN F 16 21.32 13.06 0.81
N GLY F 17 21.78 11.87 1.17
CA GLY F 17 22.03 11.55 2.57
C GLY F 17 23.41 12.06 2.98
N PHE F 18 23.48 12.56 4.21
CA PHE F 18 24.72 13.11 4.75
C PHE F 18 25.05 12.39 6.04
N ASN F 19 26.18 11.67 6.04
CA ASN F 19 26.72 11.11 7.27
C ASN F 19 27.09 12.26 8.18
N GLY F 20 26.30 12.49 9.22
CA GLY F 20 26.55 13.59 10.12
C GLY F 20 27.75 13.33 11.00
N PRO F 21 27.53 13.28 12.32
CA PRO F 21 26.20 13.48 12.90
C PRO F 21 25.93 14.95 13.23
N GLN F 22 24.67 15.36 13.18
CA GLN F 22 24.28 16.72 13.53
C GLN F 22 22.93 16.71 14.23
N THR F 23 22.72 17.73 15.06
CA THR F 23 21.41 17.91 15.68
C THR F 23 20.36 18.20 14.60
N TRP F 24 19.09 18.12 14.99
CA TRP F 24 18.02 18.38 14.03
C TRP F 24 18.14 19.79 13.46
N ASP F 25 18.28 20.80 14.32
CA ASP F 25 18.37 22.18 13.86
C ASP F 25 19.61 22.40 13.01
N ASP F 26 20.76 21.82 13.41
CA ASP F 26 21.97 22.01 12.63
C ASP F 26 21.87 21.28 11.29
N ALA F 27 21.22 20.12 11.26
CA ALA F 27 21.01 19.39 10.02
C ALA F 27 20.11 20.18 9.07
N GLU F 28 19.00 20.70 9.59
CA GLU F 28 18.09 21.49 8.77
C GLU F 28 18.78 22.73 8.21
N ARG F 29 19.54 23.43 9.07
CA ARG F 29 20.31 24.62 8.62
C ARG F 29 21.30 24.18 7.54
N PHE F 30 22.00 23.07 7.77
CA PHE F 30 22.92 22.54 6.77
C PHE F 30 22.21 22.32 5.44
N CYS F 31 20.96 21.82 5.48
CA CYS F 31 20.24 21.54 4.24
C CYS F 31 19.89 22.82 3.48
N THR F 32 19.45 23.87 4.19
CA THR F 32 19.07 25.10 3.51
C THR F 32 20.26 25.77 2.84
N GLU F 33 21.47 25.51 3.31
CA GLU F 33 22.67 26.12 2.74
C GLU F 33 23.35 25.25 1.69
N GLN F 34 22.89 24.01 1.50
CA GLN F 34 23.49 23.14 0.50
C GLN F 34 22.91 23.37 -0.90
N ALA F 35 21.70 23.91 -0.98
CA ALA F 35 21.07 24.21 -2.27
C ALA F 35 19.89 25.14 -2.02
N LYS F 36 19.53 25.89 -3.05
CA LYS F 36 18.41 26.82 -2.95
C LYS F 36 17.12 26.06 -2.68
N GLY F 37 16.40 26.48 -1.64
CA GLY F 37 15.21 25.77 -1.23
C GLY F 37 15.45 24.44 -0.55
N GLY F 38 16.68 24.17 -0.13
CA GLY F 38 16.96 22.92 0.56
C GLY F 38 16.38 22.88 1.96
N HIS F 39 15.97 21.68 2.35
CA HIS F 39 15.47 21.41 3.70
C HIS F 39 15.80 19.96 4.03
N LEU F 40 15.60 19.60 5.31
CA LEU F 40 15.54 18.20 5.66
C LEU F 40 14.41 17.54 4.87
N VAL F 41 14.63 16.28 4.48
CA VAL F 41 13.71 15.61 3.57
C VAL F 41 12.31 15.55 4.15
N SER F 42 11.31 15.67 3.29
CA SER F 42 9.91 15.44 3.63
C SER F 42 9.38 14.24 2.85
N ILE F 43 8.38 13.57 3.41
CA ILE F 43 7.80 12.37 2.83
C ILE F 43 6.32 12.63 2.57
N SER F 44 5.88 12.39 1.32
CA SER F 44 4.50 12.60 0.96
C SER F 44 3.75 11.33 0.58
N ASP F 45 4.46 10.25 0.28
CA ASP F 45 3.81 8.99 -0.10
C ASP F 45 4.78 7.84 0.16
N SER F 46 4.27 6.62 0.00
CA SER F 46 5.07 5.44 0.30
C SER F 46 6.24 5.27 -0.68
N GLY F 47 6.06 5.71 -1.93
CA GLY F 47 7.16 5.64 -2.89
C GLY F 47 8.34 6.49 -2.47
N GLU F 48 8.08 7.75 -2.10
CA GLU F 48 9.14 8.60 -1.59
C GLU F 48 9.74 8.02 -0.31
N ALA F 49 8.92 7.37 0.51
CA ALA F 49 9.45 6.74 1.72
C ALA F 49 10.39 5.59 1.38
N ASP F 50 10.05 4.80 0.36
CA ASP F 50 10.89 3.68 -0.03
C ASP F 50 12.19 4.15 -0.67
N PHE F 51 12.12 5.21 -1.49
CA PHE F 51 13.33 5.76 -2.09
C PHE F 51 14.27 6.29 -1.02
N VAL F 52 13.76 7.10 -0.10
CA VAL F 52 14.62 7.67 0.94
C VAL F 52 15.19 6.57 1.82
N GLY F 53 14.39 5.53 2.08
CA GLY F 53 14.89 4.40 2.86
C GLY F 53 16.09 3.72 2.23
N GLN F 54 15.97 3.34 0.96
CA GLN F 54 17.11 2.70 0.29
C GLN F 54 18.25 3.67 0.07
N LEU F 55 17.94 4.95 -0.15
CA LEU F 55 19.00 5.95 -0.28
C LEU F 55 19.83 6.03 0.99
N ILE F 56 19.18 5.92 2.15
CA ILE F 56 19.91 5.96 3.42
C ILE F 56 20.79 4.73 3.55
N THR F 57 20.26 3.54 3.23
CA THR F 57 21.03 2.31 3.40
C THR F 57 22.24 2.26 2.46
N GLN F 58 22.12 2.82 1.26
CA GLN F 58 23.21 2.74 0.29
C GLN F 58 24.21 3.88 0.42
N ASN F 59 23.87 4.98 1.13
CA ASN F 59 24.74 6.14 1.20
C ASN F 59 25.06 6.59 2.62
N ILE F 60 24.59 5.87 3.63
CA ILE F 60 24.81 6.23 5.03
C ILE F 60 25.13 4.94 5.78
N SER F 61 26.37 4.79 6.22
CA SER F 61 26.77 3.67 7.08
C SER F 61 27.10 4.27 8.44
N ARG F 62 26.10 4.33 9.31
CA ARG F 62 26.21 4.89 10.64
C ARG F 62 25.70 3.88 11.67
N PRO F 63 26.35 3.80 12.83
CA PRO F 63 25.85 2.93 13.91
C PRO F 63 24.66 3.47 14.67
N GLU F 64 24.08 4.59 14.22
CA GLU F 64 22.94 5.17 14.90
C GLU F 64 21.65 4.48 14.46
N TYR F 65 20.65 4.52 15.34
CA TYR F 65 19.32 4.01 15.02
C TYR F 65 18.53 4.99 14.16
N TYR F 66 18.95 6.25 14.05
CA TYR F 66 18.10 7.30 13.55
C TYR F 66 18.77 8.10 12.44
N VAL F 67 17.98 8.47 11.44
CA VAL F 67 18.35 9.45 10.42
C VAL F 67 17.27 10.52 10.41
N TRP F 68 17.68 11.78 10.46
CA TRP F 68 16.73 12.87 10.64
C TRP F 68 15.77 13.00 9.45
N THR F 69 14.49 13.19 9.78
CA THR F 69 13.50 13.70 8.84
C THR F 69 13.31 15.20 9.08
N GLY F 70 12.56 15.83 8.19
CA GLY F 70 12.16 17.21 8.37
C GLY F 70 10.97 17.44 9.25
N LEU F 71 10.43 16.40 9.87
CA LEU F 71 9.22 16.48 10.67
C LEU F 71 9.56 16.64 12.15
N ARG F 72 8.86 17.56 12.82
CA ARG F 72 9.03 17.77 14.26
C ARG F 72 7.85 18.59 14.77
N ASP F 73 7.70 18.60 16.08
CA ASP F 73 6.86 19.58 16.76
C ASP F 73 7.71 20.82 17.00
N ARG F 74 7.20 21.97 16.58
CA ARG F 74 8.00 23.20 16.55
C ARG F 74 8.00 23.95 17.88
N ARG F 75 7.24 23.52 18.88
CA ARG F 75 7.09 24.32 20.09
C ARG F 75 8.39 24.36 20.90
N SER F 76 8.50 25.37 21.76
CA SER F 76 9.66 25.50 22.63
C SER F 76 9.60 24.59 23.83
N GLU F 77 8.40 24.13 24.21
CA GLU F 77 8.26 23.23 25.34
C GLU F 77 8.73 21.83 24.97
N GLN F 78 9.00 21.03 26.00
CA GLN F 78 9.73 19.78 25.82
C GLN F 78 8.84 18.56 25.63
N GLN F 79 7.52 18.74 25.60
CA GLN F 79 6.59 17.63 25.41
C GLN F 79 5.29 18.21 24.85
N CYS F 80 4.44 17.31 24.35
CA CYS F 80 3.20 17.70 23.69
C CYS F 80 1.99 17.69 24.61
N ASN F 81 1.87 16.68 25.47
CA ASN F 81 0.71 16.52 26.33
C ASN F 81 0.47 17.79 27.13
N PRO F 82 -0.69 18.43 27.00
CA PRO F 82 -0.88 19.73 27.67
C PRO F 82 -1.25 19.63 29.13
N GLU F 83 -1.69 18.47 29.62
CA GLU F 83 -2.26 18.39 30.96
C GLU F 83 -1.83 17.11 31.66
N TRP F 84 -1.66 17.21 32.97
CA TRP F 84 -1.48 16.04 33.81
C TRP F 84 -2.77 15.21 33.85
N ASN F 85 -2.72 14.11 34.58
CA ASN F 85 -3.90 13.28 34.76
C ASN F 85 -5.03 14.05 35.47
N ASP F 86 -4.69 14.98 36.36
CA ASP F 86 -5.70 15.70 37.11
C ASP F 86 -6.23 16.93 36.38
N GLY F 87 -5.82 17.14 35.13
CA GLY F 87 -6.29 18.26 34.36
C GLY F 87 -5.46 19.52 34.47
N SER F 88 -4.54 19.60 35.43
CA SER F 88 -3.71 20.78 35.55
C SER F 88 -2.73 20.87 34.40
N SER F 89 -2.43 22.09 33.97
CA SER F 89 -1.52 22.31 32.87
C SER F 89 -0.14 21.77 33.22
N ILE F 90 0.52 21.16 32.23
CA ILE F 90 1.92 20.77 32.37
C ILE F 90 2.78 21.98 32.06
N ILE F 91 3.49 22.48 33.07
CA ILE F 91 4.37 23.63 32.88
C ILE F 91 5.75 23.24 33.38
N TYR F 92 5.90 23.14 34.69
CA TYR F 92 7.16 22.66 35.25
C TYR F 92 7.42 21.23 34.79
N THR F 93 8.60 20.99 34.21
CA THR F 93 9.05 19.66 33.87
C THR F 93 10.52 19.55 34.26
N ASN F 94 11.01 18.32 34.37
CA ASN F 94 12.39 18.06 34.81
C ASN F 94 12.93 16.83 34.07
N TRP F 95 12.97 16.91 32.75
CA TRP F 95 13.40 15.79 31.93
C TRP F 95 14.91 15.59 32.04
N ASP F 96 15.32 14.35 32.30
CA ASP F 96 16.72 14.01 32.15
C ASP F 96 17.16 14.26 30.72
N SER F 97 18.43 14.59 30.54
CA SER F 97 18.98 14.80 29.20
C SER F 97 18.68 13.60 28.30
N GLY F 98 18.12 13.87 27.12
CA GLY F 98 17.74 12.83 26.18
C GLY F 98 16.30 12.38 26.27
N GLU F 99 15.57 12.80 27.30
CA GLU F 99 14.20 12.34 27.48
C GLU F 99 13.17 13.18 26.74
N SER F 100 13.51 14.41 26.37
CA SER F 100 12.62 15.23 25.55
C SER F 100 12.83 14.88 24.09
N GLU F 101 11.79 14.37 23.42
CA GLU F 101 11.91 13.77 22.11
C GLU F 101 10.84 14.36 21.20
N MET F 102 11.17 15.49 20.56
CA MET F 102 10.20 16.25 19.77
C MET F 102 10.51 16.27 18.28
N CYS F 103 11.55 15.58 17.82
CA CYS F 103 11.94 15.55 16.42
C CYS F 103 11.85 14.13 15.88
N GLN F 104 11.40 14.00 14.64
CA GLN F 104 11.15 12.71 14.03
C GLN F 104 12.34 12.29 13.18
N ALA F 105 12.66 11.00 13.27
CA ALA F 105 13.76 10.40 12.51
C ALA F 105 13.30 9.11 11.86
N PHE F 106 13.97 8.76 10.76
CA PHE F 106 13.81 7.42 10.20
C PHE F 106 14.49 6.41 11.11
N SER F 107 13.81 5.30 11.38
CA SER F 107 14.29 4.32 12.34
C SER F 107 14.84 3.10 11.61
N ARG F 108 15.99 2.60 12.09
CA ARG F 108 16.65 1.50 11.40
C ARG F 108 15.83 0.22 11.45
N TRP F 109 15.16 -0.06 12.58
CA TRP F 109 14.42 -1.31 12.71
C TRP F 109 13.20 -1.37 11.78
N THR F 110 12.82 -0.26 11.16
CA THR F 110 11.81 -0.26 10.09
C THR F 110 12.44 -0.11 8.71
N ASN F 111 13.74 -0.38 8.59
CA ASN F 111 14.50 -0.15 7.36
C ASN F 111 14.39 1.30 6.89
N PHE F 112 14.34 2.21 7.86
CA PHE F 112 14.29 3.66 7.61
C PHE F 112 13.08 4.05 6.77
N ARG F 113 12.00 3.27 6.87
CA ARG F 113 10.75 3.54 6.16
CA ARG F 113 10.77 3.57 6.15
C ARG F 113 9.71 4.22 7.01
N GLU F 114 9.75 4.03 8.33
CA GLU F 114 8.82 4.64 9.27
C GLU F 114 9.58 5.57 10.21
N TRP F 115 8.85 6.25 11.08
CA TRP F 115 9.40 7.32 11.89
C TRP F 115 9.33 7.01 13.37
N MET F 116 10.24 7.63 14.12
CA MET F 116 10.23 7.58 15.57
C MET F 116 10.74 8.90 16.08
N ASN F 117 10.10 9.43 17.13
CA ASN F 117 10.52 10.71 17.68
C ASN F 117 11.65 10.51 18.68
N THR F 118 12.65 11.38 18.60
CA THR F 118 13.84 11.29 19.45
C THR F 118 14.28 12.71 19.80
N ASN F 119 15.37 12.79 20.56
CA ASN F 119 15.83 14.05 21.10
C ASN F 119 16.35 14.95 20.00
N CYS F 120 15.77 16.16 19.87
CA CYS F 120 16.19 17.08 18.82
C CYS F 120 17.66 17.47 18.96
N GLN F 121 18.21 17.40 20.17
CA GLN F 121 19.62 17.71 20.40
C GLN F 121 20.54 16.51 20.19
N GLN F 122 19.99 15.33 19.96
CA GLN F 122 20.80 14.18 19.58
C GLN F 122 21.35 14.38 18.17
N LYS F 123 22.61 14.00 17.97
CA LYS F 123 23.27 14.18 16.68
C LYS F 123 23.14 12.90 15.87
N ASN F 124 22.55 13.02 14.69
CA ASN F 124 22.27 11.89 13.80
C ASN F 124 22.65 12.23 12.38
N PRO F 125 22.82 11.22 11.52
CA PRO F 125 22.83 11.49 10.08
C PRO F 125 21.49 12.01 9.62
N PHE F 126 21.45 12.55 8.41
CA PHE F 126 20.24 13.22 7.93
C PHE F 126 20.20 13.16 6.41
N VAL F 127 19.04 13.53 5.86
CA VAL F 127 18.84 13.58 4.41
C VAL F 127 18.24 14.93 4.05
N CYS F 128 18.86 15.60 3.06
CA CYS F 128 18.39 16.88 2.54
C CYS F 128 17.61 16.67 1.25
N LYS F 129 16.82 17.69 0.90
CA LYS F 129 15.94 17.64 -0.25
C LYS F 129 15.70 19.06 -0.75
N PHE F 130 15.73 19.25 -2.07
CA PHE F 130 15.52 20.56 -2.65
C PHE F 130 14.96 20.42 -4.06
N PRO F 131 14.13 21.35 -4.51
CA PRO F 131 13.60 21.28 -5.87
C PRO F 131 14.57 21.88 -6.87
N PRO F 132 14.95 21.14 -7.91
CA PRO F 132 15.87 21.68 -8.90
C PRO F 132 15.20 22.72 -9.78
N ALA F 133 16.02 23.60 -10.34
CA ALA F 133 15.55 24.65 -11.23
C ALA F 133 16.25 24.56 -12.58
N ALA G 1 -21.23 0.08 16.40
CA ALA G 1 -21.35 1.22 15.51
C ALA G 1 -22.73 1.82 15.57
N ASP G 2 -22.84 3.11 15.24
CA ASP G 2 -24.13 3.78 15.17
C ASP G 2 -24.83 3.54 13.83
N CYS G 3 -24.26 2.70 12.96
CA CYS G 3 -24.87 2.44 11.67
C CYS G 3 -26.11 1.56 11.83
N PRO G 4 -27.19 1.84 11.11
CA PRO G 4 -28.42 1.05 11.25
C PRO G 4 -28.26 -0.33 10.64
N PRO G 5 -29.20 -1.24 10.88
CA PRO G 5 -29.10 -2.58 10.28
C PRO G 5 -28.99 -2.51 8.76
N GLY G 6 -28.12 -3.34 8.20
CA GLY G 6 -27.86 -3.39 6.78
C GLY G 6 -26.67 -2.57 6.33
N TRP G 7 -26.20 -1.63 7.16
CA TRP G 7 -25.10 -0.74 6.81
C TRP G 7 -23.84 -1.17 7.55
N SER G 8 -22.72 -1.23 6.82
CA SER G 8 -21.43 -1.61 7.38
C SER G 8 -20.63 -0.36 7.76
N SER G 9 -19.75 -0.52 8.73
CA SER G 9 -19.01 0.59 9.32
C SER G 9 -17.54 0.55 8.90
N TYR G 10 -16.98 1.73 8.65
CA TYR G 10 -15.54 1.88 8.45
C TYR G 10 -15.16 3.34 8.64
N ASP G 11 -14.23 3.60 9.56
CA ASP G 11 -13.65 4.92 9.83
C ASP G 11 -14.69 6.03 9.84
N LEU G 12 -15.58 6.02 10.85
CA LEU G 12 -16.52 7.10 11.09
C LEU G 12 -17.57 7.26 9.99
N TYR G 13 -17.86 6.19 9.24
CA TYR G 13 -18.85 6.26 8.18
C TYR G 13 -19.59 4.93 8.05
N CYS G 14 -20.72 4.97 7.36
CA CYS G 14 -21.56 3.80 7.11
C CYS G 14 -21.70 3.58 5.61
N TYR G 15 -21.77 2.30 5.22
CA TYR G 15 -21.79 1.92 3.81
C TYR G 15 -22.81 0.80 3.59
N GLN G 16 -23.37 0.78 2.37
CA GLN G 16 -24.24 -0.32 1.95
C GLN G 16 -24.30 -0.36 0.43
N GLY G 17 -24.17 -1.56 -0.13
CA GLY G 17 -24.23 -1.73 -1.59
C GLY G 17 -25.62 -2.13 -2.04
N PHE G 18 -25.99 -1.79 -3.28
CA PHE G 18 -27.34 -2.10 -3.80
C PHE G 18 -27.20 -2.69 -5.20
N ASN G 19 -28.01 -3.70 -5.52
CA ASN G 19 -27.88 -4.40 -6.83
C ASN G 19 -28.48 -3.54 -7.96
N GLY G 20 -29.39 -2.63 -7.64
CA GLY G 20 -30.05 -1.83 -8.69
C GLY G 20 -30.66 -2.73 -9.75
N PRO G 21 -30.33 -2.56 -11.05
CA PRO G 21 -29.37 -1.55 -11.50
C PRO G 21 -30.03 -0.19 -11.72
N GLN G 22 -29.27 0.90 -11.63
CA GLN G 22 -29.83 2.26 -11.76
C GLN G 22 -28.82 3.19 -12.42
N THR G 23 -29.28 4.23 -13.11
CA THR G 23 -28.37 5.22 -13.65
C THR G 23 -27.63 5.92 -12.51
N TRP G 24 -26.56 6.64 -12.86
CA TRP G 24 -25.80 7.37 -11.87
C TRP G 24 -26.69 8.36 -11.10
N ASP G 25 -27.49 9.13 -11.82
CA ASP G 25 -28.34 10.12 -11.17
C ASP G 25 -29.38 9.47 -10.27
N ASP G 26 -29.99 8.38 -10.74
CA ASP G 26 -31.01 7.69 -9.93
C ASP G 26 -30.37 7.00 -8.73
N ALA G 27 -29.18 6.45 -8.91
CA ALA G 27 -28.47 5.83 -7.79
C ALA G 27 -28.15 6.86 -6.72
N GLU G 28 -27.57 7.99 -7.12
CA GLU G 28 -27.30 9.08 -6.19
C GLU G 28 -28.58 9.54 -5.50
N ARG G 29 -29.68 9.66 -6.26
CA ARG G 29 -30.95 10.05 -5.65
C ARG G 29 -31.42 9.02 -4.63
N PHE G 30 -31.21 7.73 -4.91
CA PHE G 30 -31.61 6.70 -3.96
C PHE G 30 -30.81 6.79 -2.67
N CYS G 31 -29.52 7.08 -2.77
CA CYS G 31 -28.69 7.19 -1.58
C CYS G 31 -29.14 8.34 -0.69
N THR G 32 -29.49 9.48 -1.29
CA THR G 32 -29.93 10.63 -0.50
C THR G 32 -31.18 10.31 0.31
N GLU G 33 -32.01 9.40 -0.18
CA GLU G 33 -33.26 9.06 0.49
C GLU G 33 -33.08 8.01 1.58
N GLN G 34 -31.97 7.26 1.54
CA GLN G 34 -31.80 6.16 2.50
C GLN G 34 -31.50 6.69 3.89
N ALA G 35 -30.72 7.77 3.99
CA ALA G 35 -30.36 8.33 5.29
C ALA G 35 -29.93 9.77 5.11
N LYS G 36 -29.92 10.50 6.23
CA LYS G 36 -29.46 11.89 6.21
C LYS G 36 -28.00 11.94 5.79
N GLY G 37 -27.69 12.80 4.82
CA GLY G 37 -26.36 12.87 4.26
C GLY G 37 -26.00 11.72 3.35
N GLY G 38 -26.98 10.94 2.91
CA GLY G 38 -26.69 9.81 2.03
C GLY G 38 -26.19 10.29 0.67
N HIS G 39 -25.17 9.59 0.17
CA HIS G 39 -24.59 9.88 -1.14
C HIS G 39 -24.01 8.58 -1.68
N LEU G 40 -23.79 8.55 -2.99
CA LEU G 40 -22.97 7.51 -3.58
C LEU G 40 -21.59 7.58 -2.93
N VAL G 41 -20.97 6.40 -2.78
CA VAL G 41 -19.78 6.28 -1.95
C VAL G 41 -18.63 7.12 -2.50
N SER G 42 -17.86 7.72 -1.58
CA SER G 42 -16.65 8.48 -1.96
C SER G 42 -15.41 7.74 -1.42
N ILE G 43 -14.25 7.93 -2.05
CA ILE G 43 -13.01 7.22 -1.63
C ILE G 43 -11.90 8.25 -1.34
N SER G 44 -11.30 8.19 -0.15
CA SER G 44 -10.26 9.17 0.24
C SER G 44 -8.91 8.48 0.50
N ASP G 45 -8.90 7.15 0.62
CA ASP G 45 -7.64 6.40 0.94
C ASP G 45 -7.71 4.97 0.40
N SER G 46 -6.57 4.29 0.31
CA SER G 46 -6.54 2.91 -0.15
C SER G 46 -7.27 1.97 0.81
N GLY G 47 -7.19 2.24 2.12
CA GLY G 47 -7.91 1.42 3.07
C GLY G 47 -9.41 1.46 2.84
N GLU G 48 -9.94 2.65 2.52
CA GLU G 48 -11.35 2.76 2.16
C GLU G 48 -11.62 2.13 0.80
N ALA G 49 -10.69 2.31 -0.16
CA ALA G 49 -10.84 1.66 -1.45
C ALA G 49 -10.86 0.15 -1.29
N ASP G 50 -10.00 -0.38 -0.42
CA ASP G 50 -9.98 -1.82 -0.16
C ASP G 50 -11.26 -2.25 0.55
N PHE G 51 -11.75 -1.43 1.49
CA PHE G 51 -12.97 -1.78 2.21
C PHE G 51 -14.17 -1.81 1.28
N VAL G 52 -14.38 -0.73 0.53
CA VAL G 52 -15.54 -0.66 -0.37
C VAL G 52 -15.43 -1.74 -1.43
N GLY G 53 -14.22 -2.02 -1.91
CA GLY G 53 -14.05 -3.06 -2.91
C GLY G 53 -14.52 -4.41 -2.43
N GLN G 54 -14.05 -4.83 -1.26
CA GLN G 54 -14.47 -6.11 -0.71
C GLN G 54 -15.95 -6.09 -0.32
N LEU G 55 -16.45 -4.93 0.10
CA LEU G 55 -17.88 -4.80 0.39
C LEU G 55 -18.71 -5.10 -0.85
N ILE G 56 -18.25 -4.67 -2.03
CA ILE G 56 -18.98 -4.94 -3.26
C ILE G 56 -18.97 -6.44 -3.56
N THR G 57 -17.80 -7.06 -3.47
CA THR G 57 -17.71 -8.50 -3.73
C THR G 57 -18.58 -9.30 -2.77
N GLN G 58 -18.70 -8.84 -1.52
CA GLN G 58 -19.43 -9.58 -0.51
C GLN G 58 -20.94 -9.46 -0.66
N ASN G 59 -21.45 -8.32 -1.14
CA ASN G 59 -22.87 -8.03 -1.01
C ASN G 59 -23.61 -7.78 -2.31
N ILE G 60 -22.91 -7.57 -3.43
CA ILE G 60 -23.55 -7.25 -4.70
C ILE G 60 -23.48 -8.46 -5.62
N SER G 61 -24.63 -8.90 -6.12
CA SER G 61 -24.77 -10.04 -7.01
C SER G 61 -25.33 -9.53 -8.34
N ARG G 62 -24.45 -9.11 -9.25
CA ARG G 62 -24.87 -8.50 -10.49
C ARG G 62 -23.96 -8.95 -11.63
N PRO G 63 -24.47 -9.00 -12.86
CA PRO G 63 -23.63 -9.37 -14.00
C PRO G 63 -22.87 -8.22 -14.63
N GLU G 64 -23.14 -6.98 -14.24
CA GLU G 64 -22.50 -5.83 -14.86
C GLU G 64 -21.01 -5.79 -14.51
N TYR G 65 -20.24 -5.12 -15.37
CA TYR G 65 -18.84 -4.84 -15.10
C TYR G 65 -18.66 -3.79 -14.01
N TYR G 66 -19.67 -2.95 -13.79
CA TYR G 66 -19.50 -1.68 -13.09
C TYR G 66 -20.40 -1.58 -11.88
N VAL G 67 -19.86 -1.00 -10.81
CA VAL G 67 -20.62 -0.57 -9.65
C VAL G 67 -20.36 0.92 -9.49
N TRP G 68 -21.43 1.71 -9.45
CA TRP G 68 -21.30 3.16 -9.44
C TRP G 68 -20.49 3.65 -8.24
N THR G 69 -19.57 4.58 -8.51
CA THR G 69 -18.99 5.42 -7.47
C THR G 69 -19.74 6.74 -7.44
N GLY G 70 -19.37 7.60 -6.49
CA GLY G 70 -19.87 8.95 -6.44
C GLY G 70 -19.09 9.97 -7.22
N LEU G 71 -18.06 9.54 -7.95
CA LEU G 71 -17.20 10.43 -8.71
C LEU G 71 -17.71 10.57 -10.14
N ARG G 72 -17.74 11.81 -10.63
CA ARG G 72 -18.16 12.08 -12.00
C ARG G 72 -17.72 13.48 -12.39
N ASP G 73 -17.68 13.72 -13.69
CA ASP G 73 -17.59 15.07 -14.23
C ASP G 73 -18.99 15.63 -14.34
N ARG G 74 -19.22 16.80 -13.74
CA ARG G 74 -20.57 17.34 -13.59
C ARG G 74 -21.05 18.16 -14.78
N ARG G 75 -20.20 18.41 -15.77
CA ARG G 75 -20.54 19.37 -16.81
C ARG G 75 -21.66 18.84 -17.71
N SER G 76 -22.30 19.76 -18.42
CA SER G 76 -23.36 19.40 -19.36
C SER G 76 -22.82 18.71 -20.61
N GLU G 77 -21.55 18.95 -20.96
CA GLU G 77 -20.97 18.37 -22.16
C GLU G 77 -20.80 16.86 -22.02
N GLN G 78 -20.76 16.18 -23.16
CA GLN G 78 -20.64 14.73 -23.20
C GLN G 78 -19.19 14.25 -23.19
N GLN G 79 -18.22 15.15 -23.11
CA GLN G 79 -16.81 14.80 -23.10
C GLN G 79 -16.03 15.96 -22.49
N CYS G 80 -14.79 15.69 -22.09
CA CYS G 80 -13.98 16.67 -21.38
C CYS G 80 -13.07 17.48 -22.29
N ASN G 81 -12.49 16.85 -23.31
CA ASN G 81 -11.55 17.53 -24.20
C ASN G 81 -12.20 18.77 -24.80
N PRO G 82 -11.64 19.96 -24.60
CA PRO G 82 -12.30 21.18 -25.11
C PRO G 82 -12.03 21.46 -26.58
N GLU G 83 -10.95 20.94 -27.16
CA GLU G 83 -10.53 21.35 -28.49
C GLU G 83 -10.24 20.15 -29.38
N TRP G 84 -10.42 20.34 -30.68
CA TRP G 84 -10.04 19.36 -31.68
C TRP G 84 -8.51 19.36 -31.84
N ASN G 85 -8.03 18.57 -32.80
CA ASN G 85 -6.60 18.54 -33.08
C ASN G 85 -6.11 19.84 -33.70
N ASP G 86 -6.98 20.55 -34.42
CA ASP G 86 -6.60 21.78 -35.09
C ASP G 86 -6.65 23.00 -34.17
N GLY G 87 -7.22 22.86 -32.97
CA GLY G 87 -7.36 23.96 -32.05
C GLY G 87 -8.78 24.47 -31.89
N SER G 88 -9.64 24.24 -32.88
CA SER G 88 -11.04 24.62 -32.77
C SER G 88 -11.71 23.85 -31.65
N SER G 89 -12.73 24.46 -31.06
CA SER G 89 -13.36 23.87 -29.88
C SER G 89 -14.37 22.80 -30.27
N ILE G 90 -14.57 21.85 -29.35
CA ILE G 90 -15.49 20.74 -29.55
C ILE G 90 -16.86 21.16 -29.02
N ILE G 91 -17.81 21.40 -29.92
CA ILE G 91 -19.16 21.76 -29.53
C ILE G 91 -20.13 20.71 -30.07
N TYR G 92 -20.26 20.65 -31.38
CA TYR G 92 -21.08 19.60 -31.97
C TYR G 92 -20.40 18.24 -31.78
N THR G 93 -21.17 17.27 -31.30
CA THR G 93 -20.72 15.88 -31.20
C THR G 93 -21.87 14.97 -31.60
N ASN G 94 -21.53 13.75 -31.99
CA ASN G 94 -22.51 12.77 -32.43
C ASN G 94 -22.14 11.39 -31.86
N TRP G 95 -22.11 11.31 -30.54
CA TRP G 95 -21.73 10.07 -29.87
C TRP G 95 -22.84 9.05 -29.99
N ASP G 96 -22.47 7.83 -30.38
CA ASP G 96 -23.43 6.73 -30.33
C ASP G 96 -23.83 6.47 -28.90
N SER G 97 -25.03 5.92 -28.71
CA SER G 97 -25.51 5.63 -27.37
C SER G 97 -24.50 4.75 -26.63
N GLY G 98 -24.10 5.19 -25.43
CA GLY G 98 -23.10 4.50 -24.64
C GLY G 98 -21.70 5.05 -24.75
N GLU G 99 -21.42 5.91 -25.73
CA GLU G 99 -20.06 6.38 -25.98
C GLU G 99 -19.66 7.58 -25.11
N SER G 100 -20.62 8.36 -24.64
CA SER G 100 -20.33 9.43 -23.70
C SER G 100 -20.19 8.85 -22.29
N GLU G 101 -19.01 8.99 -21.70
CA GLU G 101 -18.66 8.30 -20.45
C GLU G 101 -18.08 9.32 -19.47
N MET G 102 -18.94 9.87 -18.62
CA MET G 102 -18.55 10.94 -17.72
C MET G 102 -18.77 10.62 -16.24
N CYS G 103 -19.19 9.39 -15.92
CA CYS G 103 -19.40 8.95 -14.54
C CYS G 103 -18.46 7.79 -14.23
N GLN G 104 -17.91 7.79 -13.02
CA GLN G 104 -16.93 6.78 -12.63
C GLN G 104 -17.60 5.61 -11.91
N ALA G 105 -17.05 4.41 -12.15
CA ALA G 105 -17.58 3.19 -11.57
C ALA G 105 -16.43 2.29 -11.12
N PHE G 106 -16.66 1.53 -10.06
CA PHE G 106 -15.73 0.48 -9.69
C PHE G 106 -15.78 -0.62 -10.75
N SER G 107 -14.61 -1.06 -11.22
CA SER G 107 -14.53 -2.02 -12.31
C SER G 107 -14.26 -3.42 -11.77
N ARG G 108 -14.94 -4.41 -12.34
CA ARG G 108 -14.80 -5.78 -11.87
C ARG G 108 -13.38 -6.31 -12.07
N TRP G 109 -12.76 -6.01 -13.22
CA TRP G 109 -11.45 -6.59 -13.52
C TRP G 109 -10.34 -6.04 -12.64
N THR G 110 -10.62 -5.03 -11.81
CA THR G 110 -9.70 -4.60 -10.76
C THR G 110 -10.20 -5.00 -9.38
N ASN G 111 -11.08 -6.00 -9.32
CA ASN G 111 -11.76 -6.40 -8.09
C ASN G 111 -12.42 -5.21 -7.40
N PHE G 112 -12.93 -4.27 -8.20
CA PHE G 112 -13.65 -3.10 -7.73
C PHE G 112 -12.80 -2.18 -6.86
N ARG G 113 -11.48 -2.28 -6.97
CA ARG G 113 -10.56 -1.38 -6.28
C ARG G 113 -10.20 -0.16 -7.11
N GLU G 114 -10.35 -0.23 -8.43
CA GLU G 114 -10.01 0.88 -9.30
C GLU G 114 -11.24 1.32 -10.08
N TRP G 115 -11.09 2.42 -10.80
CA TRP G 115 -12.21 3.10 -11.42
C TRP G 115 -12.09 3.11 -12.93
N MET G 116 -13.23 3.25 -13.59
CA MET G 116 -13.30 3.39 -15.04
C MET G 116 -14.53 4.22 -15.36
N ASN G 117 -14.37 5.23 -16.22
CA ASN G 117 -15.51 6.06 -16.59
C ASN G 117 -16.38 5.32 -17.60
N THR G 118 -17.69 5.45 -17.43
CA THR G 118 -18.67 4.77 -18.26
C THR G 118 -19.88 5.68 -18.41
N ASN G 119 -20.87 5.20 -19.17
CA ASN G 119 -22.05 5.99 -19.49
C ASN G 119 -22.88 6.27 -18.25
N CYS G 120 -23.08 7.56 -17.94
CA CYS G 120 -23.89 7.95 -16.79
C CYS G 120 -25.30 7.39 -16.86
N GLN G 121 -25.83 7.19 -18.06
CA GLN G 121 -27.17 6.66 -18.25
C GLN G 121 -27.23 5.14 -18.21
N GLN G 122 -26.09 4.47 -18.14
CA GLN G 122 -26.06 3.02 -17.98
C GLN G 122 -26.60 2.64 -16.60
N LYS G 123 -27.35 1.54 -16.55
CA LYS G 123 -27.92 1.07 -15.29
C LYS G 123 -26.95 0.10 -14.63
N ASN G 124 -26.50 0.43 -13.43
CA ASN G 124 -25.49 -0.33 -12.71
C ASN G 124 -25.87 -0.43 -11.24
N PRO G 125 -25.38 -1.45 -10.55
CA PRO G 125 -25.44 -1.44 -9.07
C PRO G 125 -24.58 -0.32 -8.51
N PHE G 126 -24.70 -0.09 -7.21
CA PHE G 126 -24.06 1.08 -6.61
C PHE G 126 -23.88 0.88 -5.11
N VAL G 127 -23.18 1.83 -4.49
CA VAL G 127 -22.86 1.80 -3.06
C VAL G 127 -23.11 3.18 -2.46
N CYS G 128 -23.89 3.22 -1.39
CA CYS G 128 -24.24 4.47 -0.70
C CYS G 128 -23.39 4.64 0.56
N LYS G 129 -23.20 5.90 0.96
CA LYS G 129 -22.39 6.22 2.11
C LYS G 129 -22.96 7.45 2.81
N PHE G 130 -23.04 7.40 4.14
CA PHE G 130 -23.56 8.52 4.92
C PHE G 130 -22.90 8.52 6.29
N PRO G 131 -22.78 9.68 6.93
CA PRO G 131 -22.21 9.74 8.28
C PRO G 131 -23.25 9.45 9.34
N PRO G 132 -22.94 8.59 10.31
CA PRO G 132 -23.91 8.30 11.36
C PRO G 132 -24.01 9.44 12.37
N ALA G 133 -25.14 9.47 13.06
CA ALA G 133 -25.41 10.49 14.08
C ALA G 133 -25.90 9.85 15.38
N ALA H 1 26.91 2.58 -3.30
CA ALA H 1 26.55 2.06 -4.61
C ALA H 1 27.75 2.13 -5.56
N ASP H 2 27.68 1.38 -6.67
CA ASP H 2 28.80 1.34 -7.61
C ASP H 2 28.29 1.09 -9.03
N CYS H 3 27.20 1.75 -9.40
CA CYS H 3 26.65 1.62 -10.74
C CYS H 3 27.49 2.44 -11.72
N PRO H 4 27.89 1.88 -12.87
CA PRO H 4 28.73 2.63 -13.83
C PRO H 4 27.99 3.85 -14.38
N PRO H 5 28.69 4.78 -15.03
CA PRO H 5 28.02 5.94 -15.59
C PRO H 5 26.91 5.55 -16.55
N GLY H 6 25.82 6.32 -16.54
CA GLY H 6 24.63 6.01 -17.29
C GLY H 6 23.62 5.18 -16.55
N TRP H 7 24.02 4.47 -15.50
CA TRP H 7 23.14 3.59 -14.75
C TRP H 7 22.77 4.23 -13.42
N SER H 8 21.51 4.06 -13.02
CA SER H 8 21.00 4.57 -11.76
C SER H 8 20.90 3.46 -10.73
N SER H 9 21.15 3.82 -9.47
CA SER H 9 21.21 2.85 -8.37
C SER H 9 19.91 2.82 -7.60
N TYR H 10 19.44 1.62 -7.29
CA TYR H 10 18.29 1.45 -6.41
C TYR H 10 18.34 0.07 -5.77
N ASP H 11 18.51 0.03 -4.45
CA ASP H 11 18.35 -1.18 -3.65
C ASP H 11 19.18 -2.34 -4.21
N LEU H 12 20.48 -2.12 -4.30
CA LEU H 12 21.49 -3.13 -4.61
C LEU H 12 21.51 -3.52 -6.09
N TYR H 13 20.79 -2.81 -6.95
CA TYR H 13 20.79 -3.08 -8.38
C TYR H 13 21.00 -1.78 -9.17
N CYS H 14 21.32 -1.95 -10.45
CA CYS H 14 21.61 -0.83 -11.35
C CYS H 14 20.63 -0.86 -12.52
N TYR H 15 20.09 0.31 -12.87
CA TYR H 15 19.03 0.43 -13.85
C TYR H 15 19.39 1.46 -14.92
N GLN H 16 18.88 1.25 -16.13
CA GLN H 16 19.06 2.25 -17.18
C GLN H 16 17.99 2.08 -18.25
N GLY H 17 17.33 3.18 -18.60
CA GLY H 17 16.36 3.17 -19.67
C GLY H 17 17.01 3.49 -21.01
N PHE H 18 16.47 2.88 -22.06
CA PHE H 18 17.00 3.02 -23.40
C PHE H 18 15.86 3.38 -24.35
N ASN H 19 16.10 4.36 -25.21
CA ASN H 19 15.07 4.78 -26.15
C ASN H 19 14.77 3.68 -27.16
N GLY H 20 15.79 2.91 -27.56
CA GLY H 20 15.62 1.88 -28.55
C GLY H 20 15.16 2.47 -29.86
N PRO H 21 14.03 1.97 -30.40
CA PRO H 21 13.22 0.90 -29.80
C PRO H 21 13.62 -0.49 -30.27
N GLN H 22 13.24 -1.53 -29.51
CA GLN H 22 13.56 -2.90 -29.87
C GLN H 22 12.36 -3.78 -29.56
N THR H 23 12.32 -4.94 -30.21
CA THR H 23 11.36 -5.96 -29.82
C THR H 23 11.67 -6.44 -28.40
N TRP H 24 10.77 -7.22 -27.82
CA TRP H 24 11.02 -7.75 -26.49
C TRP H 24 12.27 -8.63 -26.49
N ASP H 25 12.38 -9.54 -27.45
CA ASP H 25 13.53 -10.43 -27.52
C ASP H 25 14.82 -9.65 -27.74
N ASP H 26 14.81 -8.67 -28.64
CA ASP H 26 16.01 -7.90 -28.93
C ASP H 26 16.39 -7.01 -27.76
N ALA H 27 15.39 -6.44 -27.07
CA ALA H 27 15.67 -5.65 -25.89
C ALA H 27 16.30 -6.51 -24.79
N GLU H 28 15.74 -7.72 -24.59
CA GLU H 28 16.25 -8.61 -23.56
C GLU H 28 17.70 -9.00 -23.83
N ARG H 29 18.01 -9.38 -25.08
CA ARG H 29 19.39 -9.71 -25.41
C ARG H 29 20.31 -8.50 -25.30
N PHE H 30 19.81 -7.31 -25.64
CA PHE H 30 20.59 -6.10 -25.45
C PHE H 30 20.97 -5.93 -23.98
N CYS H 31 20.03 -6.18 -23.08
CA CYS H 31 20.30 -6.02 -21.65
C CYS H 31 21.35 -7.02 -21.17
N THR H 32 21.28 -8.27 -21.65
CA THR H 32 22.28 -9.27 -21.26
C THR H 32 23.68 -8.91 -21.73
N GLU H 33 23.80 -8.12 -22.80
CA GLU H 33 25.08 -7.75 -23.34
C GLU H 33 25.64 -6.47 -22.74
N GLN H 34 24.81 -5.68 -22.05
CA GLN H 34 25.29 -4.44 -21.45
C GLN H 34 26.08 -4.68 -20.16
N ALA H 35 25.74 -5.72 -19.41
CA ALA H 35 26.41 -6.00 -18.15
C ALA H 35 26.24 -7.46 -17.80
N LYS H 36 27.10 -7.92 -16.89
CA LYS H 36 27.02 -9.30 -16.40
C LYS H 36 25.71 -9.50 -15.64
N GLY H 37 24.96 -10.52 -16.03
CA GLY H 37 23.67 -10.75 -15.42
C GLY H 37 22.61 -9.75 -15.80
N GLY H 38 22.81 -9.02 -16.89
CA GLY H 38 21.82 -8.03 -17.30
C GLY H 38 20.59 -8.68 -17.89
N HIS H 39 19.44 -8.07 -17.63
CA HIS H 39 18.16 -8.50 -18.16
C HIS H 39 17.25 -7.28 -18.25
N LEU H 40 16.13 -7.45 -18.94
CA LEU H 40 15.06 -6.47 -18.81
C LEU H 40 14.64 -6.39 -17.34
N VAL H 41 14.26 -5.17 -16.92
CA VAL H 41 14.01 -4.91 -15.51
C VAL H 41 12.91 -5.81 -14.99
N SER H 42 13.07 -6.26 -13.74
CA SER H 42 12.03 -6.96 -12.98
C SER H 42 11.56 -6.08 -11.83
N ILE H 43 10.32 -6.30 -11.40
CA ILE H 43 9.69 -5.48 -10.37
C ILE H 43 9.27 -6.40 -9.23
N SER H 44 9.84 -6.17 -8.05
CA SER H 44 9.54 -7.02 -6.90
C SER H 44 8.60 -6.39 -5.89
N ASP H 45 8.44 -5.08 -5.89
CA ASP H 45 7.61 -4.41 -4.91
C ASP H 45 7.24 -3.02 -5.42
N SER H 46 6.36 -2.35 -4.67
CA SER H 46 5.87 -1.03 -5.07
C SER H 46 7.00 0.01 -5.12
N GLY H 47 7.95 -0.07 -4.18
CA GLY H 47 9.04 0.88 -4.18
C GLY H 47 9.86 0.82 -5.46
N GLU H 48 10.20 -0.39 -5.90
CA GLU H 48 10.93 -0.54 -7.15
C GLU H 48 10.08 -0.09 -8.35
N ALA H 49 8.78 -0.37 -8.31
CA ALA H 49 7.91 0.09 -9.39
C ALA H 49 7.89 1.61 -9.47
N ASP H 50 7.85 2.28 -8.31
CA ASP H 50 7.85 3.74 -8.30
C ASP H 50 9.18 4.30 -8.79
N PHE H 51 10.29 3.63 -8.45
CA PHE H 51 11.60 4.09 -8.92
C PHE H 51 11.72 3.95 -10.43
N VAL H 52 11.32 2.79 -10.97
CA VAL H 52 11.44 2.58 -12.41
C VAL H 52 10.51 3.51 -13.17
N GLY H 53 9.29 3.71 -12.65
CA GLY H 53 8.34 4.59 -13.31
C GLY H 53 8.87 6.01 -13.44
N GLN H 54 9.39 6.56 -12.35
CA GLN H 54 9.94 7.91 -12.42
C GLN H 54 11.26 7.94 -13.18
N LEU H 55 12.00 6.82 -13.20
CA LEU H 55 13.20 6.75 -14.02
C LEU H 55 12.87 6.81 -15.50
N ILE H 56 11.80 6.13 -15.92
CA ILE H 56 11.37 6.18 -17.31
C ILE H 56 10.98 7.60 -17.69
N THR H 57 10.25 8.29 -16.79
CA THR H 57 9.79 9.64 -17.07
C THR H 57 10.95 10.61 -17.29
N GLN H 58 12.06 10.39 -16.61
CA GLN H 58 13.19 11.30 -16.68
C GLN H 58 14.19 10.95 -17.78
N ASN H 59 14.21 9.70 -18.27
CA ASN H 59 15.28 9.25 -19.14
C ASN H 59 14.84 8.77 -20.51
N ILE H 60 13.58 8.38 -20.71
CA ILE H 60 13.09 7.91 -22.00
C ILE H 60 12.17 8.98 -22.58
N SER H 61 12.36 9.27 -23.86
CA SER H 61 11.52 10.25 -24.57
C SER H 61 11.20 9.65 -25.94
N ARG H 62 10.12 8.89 -26.00
CA ARG H 62 9.68 8.17 -27.18
C ARG H 62 8.19 8.36 -27.34
N PRO H 63 7.66 8.24 -28.57
CA PRO H 63 6.22 8.38 -28.77
C PRO H 63 5.40 7.17 -28.34
N GLU H 64 6.01 6.01 -28.15
CA GLU H 64 5.25 4.81 -27.86
C GLU H 64 4.61 4.90 -26.49
N TYR H 65 3.54 4.11 -26.30
CA TYR H 65 2.86 4.04 -25.02
C TYR H 65 3.56 3.13 -24.02
N TYR H 66 4.55 2.36 -24.48
CA TYR H 66 5.04 1.22 -23.73
C TYR H 66 6.55 1.26 -23.55
N VAL H 67 6.98 0.77 -22.40
CA VAL H 67 8.38 0.49 -22.10
C VAL H 67 8.46 -0.95 -21.61
N TRP H 68 9.32 -1.76 -22.23
CA TRP H 68 9.34 -3.19 -21.97
C TRP H 68 9.69 -3.50 -20.52
N THR H 69 8.96 -4.43 -19.92
CA THR H 69 9.38 -5.12 -18.71
C THR H 69 10.00 -6.46 -19.07
N GLY H 70 10.58 -7.11 -18.07
CA GLY H 70 11.09 -8.46 -18.25
C GLY H 70 10.06 -9.56 -18.11
N LEU H 71 8.79 -9.21 -17.97
CA LEU H 71 7.72 -10.17 -17.74
C LEU H 71 7.05 -10.53 -19.05
N ARG H 72 6.87 -11.82 -19.28
CA ARG H 72 6.12 -12.29 -20.45
C ARG H 72 5.69 -13.73 -20.22
N ASP H 73 4.76 -14.17 -21.07
CA ASP H 73 4.46 -15.58 -21.20
C ASP H 73 5.41 -16.16 -22.22
N ARG H 74 6.15 -17.20 -21.83
CA ARG H 74 7.27 -17.72 -22.63
C ARG H 74 6.84 -18.68 -23.73
N ARG H 75 5.56 -19.02 -23.85
CA ARG H 75 5.17 -20.06 -24.78
C ARG H 75 5.25 -19.57 -26.23
N SER H 76 5.38 -20.53 -27.15
CA SER H 76 5.45 -20.19 -28.58
C SER H 76 4.11 -19.77 -29.14
N GLU H 77 3.01 -20.19 -28.52
CA GLU H 77 1.68 -19.85 -29.00
C GLU H 77 1.44 -18.35 -28.90
N GLN H 78 0.44 -17.89 -29.66
CA GLN H 78 0.14 -16.46 -29.75
C GLN H 78 -0.89 -16.01 -28.72
N GLN H 79 -1.36 -16.91 -27.86
CA GLN H 79 -2.30 -16.56 -26.80
C GLN H 79 -2.20 -17.63 -25.72
N CYS H 80 -2.81 -17.34 -24.57
CA CYS H 80 -2.71 -18.20 -23.39
C CYS H 80 -3.86 -19.19 -23.29
N ASN H 81 -5.07 -18.76 -23.61
CA ASN H 81 -6.25 -19.61 -23.51
C ASN H 81 -6.05 -20.86 -24.37
N PRO H 82 -6.06 -22.05 -23.78
CA PRO H 82 -5.80 -23.26 -24.58
C PRO H 82 -6.99 -23.76 -25.39
N GLU H 83 -8.22 -23.35 -25.07
CA GLU H 83 -9.40 -23.99 -25.65
C GLU H 83 -10.43 -22.96 -26.09
N TRP H 84 -11.19 -23.33 -27.13
CA TRP H 84 -12.35 -22.55 -27.55
C TRP H 84 -13.49 -22.72 -26.55
N ASN H 85 -14.56 -21.94 -26.76
CA ASN H 85 -15.74 -22.06 -25.91
C ASN H 85 -16.32 -23.47 -25.93
N ASP H 86 -16.17 -24.19 -27.04
CA ASP H 86 -16.73 -25.53 -27.18
C ASP H 86 -15.78 -26.62 -26.68
N GLY H 87 -14.69 -26.25 -26.01
CA GLY H 87 -13.77 -27.22 -25.45
C GLY H 87 -12.67 -27.68 -26.38
N SER H 88 -12.80 -27.43 -27.67
CA SER H 88 -11.74 -27.83 -28.61
C SER H 88 -10.49 -26.99 -28.38
N SER H 89 -9.35 -27.59 -28.69
CA SER H 89 -8.08 -26.89 -28.53
C SER H 89 -7.93 -25.79 -29.57
N ILE H 90 -7.31 -24.69 -29.16
CA ILE H 90 -7.00 -23.58 -30.04
C ILE H 90 -5.67 -23.88 -30.71
N ILE H 91 -5.71 -24.26 -31.99
CA ILE H 91 -4.49 -24.52 -32.75
C ILE H 91 -4.36 -23.46 -33.83
N TYR H 92 -5.23 -23.51 -34.82
CA TYR H 92 -5.23 -22.49 -35.86
C TYR H 92 -5.62 -21.14 -35.29
N THR H 93 -4.80 -20.13 -35.54
CA THR H 93 -5.11 -18.75 -35.18
C THR H 93 -4.72 -17.85 -36.35
N ASN H 94 -5.31 -16.65 -36.37
CA ASN H 94 -5.10 -15.74 -37.49
C ASN H 94 -5.16 -14.30 -36.99
N TRP H 95 -4.29 -13.99 -36.02
CA TRP H 95 -4.29 -12.66 -35.41
C TRP H 95 -3.76 -11.63 -36.40
N ASP H 96 -4.49 -10.54 -36.57
CA ASP H 96 -3.94 -9.39 -37.26
C ASP H 96 -2.67 -8.93 -36.58
N SER H 97 -1.80 -8.27 -37.34
CA SER H 97 -0.53 -7.79 -36.80
C SER H 97 -0.78 -6.92 -35.57
N GLY H 98 -0.14 -7.28 -34.45
CA GLY H 98 -0.28 -6.54 -33.22
C GLY H 98 -1.33 -7.08 -32.27
N GLU H 99 -2.13 -8.06 -32.70
CA GLU H 99 -3.20 -8.58 -31.84
C GLU H 99 -2.74 -9.69 -30.91
N SER H 100 -1.62 -10.34 -31.21
CA SER H 100 -0.98 -11.26 -30.25
C SER H 100 -0.19 -10.44 -29.24
N GLU H 101 -0.54 -10.55 -27.96
CA GLU H 101 0.00 -9.69 -26.91
C GLU H 101 0.45 -10.56 -25.74
N MET H 102 1.70 -11.04 -25.80
CA MET H 102 2.22 -11.98 -24.82
C MET H 102 3.39 -11.44 -24.00
N CYS H 103 3.71 -10.16 -24.13
CA CYS H 103 4.81 -9.54 -23.40
C CYS H 103 4.29 -8.33 -22.63
N GLN H 104 4.80 -8.13 -21.41
CA GLN H 104 4.33 -7.07 -20.54
C GLN H 104 5.21 -5.83 -20.65
N ALA H 105 4.56 -4.67 -20.62
CA ALA H 105 5.25 -3.38 -20.74
C ALA H 105 4.66 -2.39 -19.76
N PHE H 106 5.52 -1.50 -19.24
CA PHE H 106 5.04 -0.38 -18.43
C PHE H 106 4.21 0.55 -19.30
N SER H 107 3.04 0.93 -18.82
CA SER H 107 2.09 1.71 -19.60
C SER H 107 2.18 3.18 -19.22
N ARG H 108 2.20 4.05 -20.23
CA ARG H 108 2.35 5.47 -20.00
C ARG H 108 1.15 6.04 -19.24
N TRP H 109 -0.05 5.55 -19.52
CA TRP H 109 -1.23 6.11 -18.86
C TRP H 109 -1.28 5.80 -17.37
N THR H 110 -0.46 4.87 -16.87
CA THR H 110 -0.29 4.66 -15.44
C THR H 110 1.01 5.27 -14.92
N ASN H 111 1.55 6.25 -15.64
CA ASN H 111 2.87 6.81 -15.34
C ASN H 111 3.91 5.70 -15.18
N PHE H 112 3.77 4.66 -16.02
CA PHE H 112 4.71 3.55 -16.10
C PHE H 112 4.83 2.79 -14.79
N ARG H 113 3.79 2.85 -13.96
CA ARG H 113 3.76 2.12 -12.69
C ARG H 113 3.09 0.76 -12.81
N GLU H 114 2.13 0.62 -13.72
CA GLU H 114 1.41 -0.63 -13.94
C GLU H 114 1.75 -1.18 -15.33
N TRP H 115 1.33 -2.42 -15.57
CA TRP H 115 1.75 -3.14 -16.77
C TRP H 115 0.55 -3.38 -17.67
N MET H 116 0.84 -3.57 -18.95
CA MET H 116 -0.14 -3.96 -19.94
C MET H 116 0.54 -4.90 -20.92
N ASN H 117 -0.15 -5.97 -21.31
CA ASN H 117 0.43 -6.89 -22.27
C ASN H 117 0.27 -6.34 -23.68
N THR H 118 1.30 -6.49 -24.50
CA THR H 118 1.29 -5.97 -25.86
C THR H 118 2.13 -6.90 -26.74
N ASN H 119 2.26 -6.51 -28.01
CA ASN H 119 2.86 -7.37 -29.02
C ASN H 119 4.37 -7.47 -28.80
N CYS H 120 4.86 -8.70 -28.58
CA CYS H 120 6.29 -8.91 -28.39
C CYS H 120 7.10 -8.49 -29.62
N GLN H 121 6.49 -8.57 -30.80
CA GLN H 121 7.21 -8.27 -32.03
C GLN H 121 7.26 -6.77 -32.33
N GLN H 122 6.51 -5.95 -31.60
CA GLN H 122 6.59 -4.51 -31.78
C GLN H 122 7.79 -3.93 -31.04
N LYS H 123 8.36 -2.88 -31.60
CA LYS H 123 9.56 -2.25 -31.05
C LYS H 123 9.15 -1.17 -30.05
N ASN H 124 9.72 -1.25 -28.85
CA ASN H 124 9.44 -0.32 -27.78
C ASN H 124 10.74 0.01 -27.07
N PRO H 125 10.82 1.17 -26.42
CA PRO H 125 11.92 1.41 -25.48
C PRO H 125 11.83 0.45 -24.30
N PHE H 126 12.87 0.44 -23.47
CA PHE H 126 12.97 -0.60 -22.45
C PHE H 126 13.90 -0.14 -21.33
N VAL H 127 13.91 -0.92 -20.25
CA VAL H 127 14.78 -0.69 -19.11
C VAL H 127 15.52 -1.99 -18.80
N CYS H 128 16.84 -1.89 -18.60
CA CYS H 128 17.68 -3.01 -18.21
C CYS H 128 18.01 -2.94 -16.71
N LYS H 129 18.40 -4.10 -16.16
CA LYS H 129 18.73 -4.21 -14.75
C LYS H 129 19.77 -5.31 -14.57
N PHE H 130 20.74 -5.06 -13.69
CA PHE H 130 21.78 -6.06 -13.42
C PHE H 130 22.31 -5.87 -12.01
N PRO H 131 22.84 -6.92 -11.39
CA PRO H 131 23.38 -6.79 -10.03
C PRO H 131 24.86 -6.45 -10.06
N PRO H 132 25.24 -5.28 -9.53
CA PRO H 132 26.65 -4.92 -9.48
C PRO H 132 27.40 -5.72 -8.42
N ALA H 133 28.73 -5.56 -8.43
CA ALA H 133 29.58 -6.24 -7.45
C ALA H 133 30.50 -5.24 -6.75
S SO4 I . 8.75 -0.75 20.55
O1 SO4 I . 9.47 -1.15 19.35
O2 SO4 I . 7.37 -0.40 20.20
O3 SO4 I . 8.74 -1.84 21.52
O4 SO4 I . 9.40 0.41 21.14
S SO4 J . 19.28 1.83 37.85
O1 SO4 J . 20.39 0.90 37.68
O2 SO4 J . 18.23 1.53 36.87
O3 SO4 J . 18.74 1.69 39.20
O4 SO4 J . 19.76 3.19 37.66
S SO4 K . -17.90 -10.03 26.14
O1 SO4 K . -17.54 -9.21 24.98
O2 SO4 K . -18.95 -10.97 25.75
O3 SO4 K . -16.73 -10.77 26.60
O4 SO4 K . -18.40 -9.16 27.21
S SO4 L . 21.38 11.39 -10.61
O1 SO4 L . 21.03 10.95 -11.96
O2 SO4 L . 20.46 10.78 -9.64
O3 SO4 L . 22.75 10.97 -10.32
O4 SO4 L . 21.28 12.84 -10.53
S SO4 M . 23.61 6.86 -9.08
O1 SO4 M . 23.89 7.79 -10.16
O2 SO4 M . 22.16 6.64 -9.00
O3 SO4 M . 24.29 5.60 -9.32
O4 SO4 M . 24.07 7.44 -7.82
S SO4 N . 19.63 8.07 -27.52
O1 SO4 N . 20.34 9.19 -28.10
O2 SO4 N . 18.45 7.75 -28.35
O3 SO4 N . 20.50 6.89 -27.47
O4 SO4 N . 19.19 8.41 -26.17
#